data_6LP5
#
_entry.id   6LP5
#
_cell.length_a   154.510
_cell.length_b   154.510
_cell.length_c   129.500
_cell.angle_alpha   90.000
_cell.angle_beta   90.000
_cell.angle_gamma   90.000
#
_symmetry.space_group_name_H-M   'I 4'
#
loop_
_entity.id
_entity.type
_entity.pdbx_description
1 polymer Ferritin
2 non-polymer 'FE (II) ION'
3 non-polymer 'FE (III) ION'
4 non-polymer HEXANE-1,6-DIOL
5 water water
#
_entity_poly.entity_id   1
_entity_poly.type   'polypeptide(L)'
_entity_poly.pdbx_seq_one_letter_code
;MAETMPRQNFHQDSEAGINKQINMELYASYVYQSMSFYFDRDDVALKGFAKFFKESSDEEREHAEKLMKYQNKRGGRIVL
QPISKPDRDEWGSGLDAMKAALNLEKSVNQSLLELHKVADSHGDAQMCDFLEGEYLEEQVEAIKDLSDRITNLNRVGKGL
GEWHYDQKLLS
;
_entity_poly.pdbx_strand_id   A,B,C,D,E,F
#
loop_
_chem_comp.id
_chem_comp.type
_chem_comp.name
_chem_comp.formula
FE non-polymer 'FE (III) ION' 'Fe 3'
FE2 non-polymer 'FE (II) ION' 'Fe 2'
HEZ non-polymer HEXANE-1,6-DIOL 'C6 H14 O2'
#
# COMPACT_ATOMS: atom_id res chain seq x y z
N ALA A 2 35.16 -32.80 -3.42
CA ALA A 2 36.09 -31.66 -3.31
C ALA A 2 35.35 -30.35 -2.95
N GLU A 3 36.12 -29.32 -2.58
CA GLU A 3 35.65 -27.94 -2.76
C GLU A 3 35.42 -27.67 -4.25
N THR A 4 34.46 -26.79 -4.53
CA THR A 4 34.26 -26.28 -5.87
C THR A 4 35.52 -25.59 -6.40
N MET A 5 35.67 -25.69 -7.70
CA MET A 5 36.80 -25.16 -8.44
C MET A 5 37.18 -23.71 -8.08
N PRO A 6 36.24 -22.79 -8.06
CA PRO A 6 36.63 -21.43 -7.76
C PRO A 6 36.89 -21.11 -6.26
N ARG A 7 36.34 -21.89 -5.36
CA ARG A 7 36.38 -21.58 -3.95
C ARG A 7 37.74 -21.18 -3.34
N GLN A 8 37.82 -20.01 -2.73
CA GLN A 8 39.08 -19.54 -2.12
C GLN A 8 38.74 -18.50 -1.07
N ASN A 9 39.11 -18.75 0.20
CA ASN A 9 38.80 -17.87 1.29
C ASN A 9 37.28 -17.57 1.49
N PHE A 10 36.45 -18.58 1.25
CA PHE A 10 35.00 -18.48 1.37
C PHE A 10 34.43 -19.48 2.36
N HIS A 11 34.11 -19.01 3.56
CA HIS A 11 33.79 -19.90 4.70
C HIS A 11 32.38 -20.49 4.58
N GLN A 12 32.18 -21.75 4.98
N GLN A 12 32.18 -21.68 5.14
CA GLN A 12 30.84 -22.35 5.03
CA GLN A 12 30.88 -22.35 5.17
C GLN A 12 29.79 -21.46 5.74
C GLN A 12 29.78 -21.50 5.85
N ASP A 13 30.20 -20.83 6.84
CA ASP A 13 29.43 -19.92 7.67
C ASP A 13 28.94 -18.74 6.75
N SER A 14 29.83 -18.16 5.99
CA SER A 14 29.48 -17.09 5.00
C SER A 14 28.52 -17.57 3.94
N GLU A 15 28.81 -18.72 3.38
CA GLU A 15 27.94 -19.39 2.41
C GLU A 15 26.50 -19.58 2.96
N ALA A 16 26.35 -20.12 4.18
CA ALA A 16 25.03 -20.35 4.74
C ALA A 16 24.33 -19.02 4.95
N GLY A 17 25.05 -18.06 5.48
CA GLY A 17 24.48 -16.75 5.71
C GLY A 17 24.00 -16.00 4.45
N ILE A 18 24.74 -16.16 3.37
CA ILE A 18 24.35 -15.61 2.06
C ILE A 18 23.01 -16.23 1.65
N ASN A 19 22.89 -17.54 1.82
CA ASN A 19 21.60 -18.16 1.57
C ASN A 19 20.46 -17.65 2.43
N LYS A 20 20.69 -17.38 3.70
CA LYS A 20 19.68 -16.83 4.56
C LYS A 20 19.30 -15.44 4.04
N GLN A 21 20.29 -14.62 3.72
CA GLN A 21 20.02 -13.23 3.21
C GLN A 21 19.25 -13.25 1.89
N ILE A 22 19.57 -14.21 1.00
CA ILE A 22 18.77 -14.36 -0.24
C ILE A 22 17.27 -14.54 0.11
N ASN A 23 16.95 -15.42 1.08
CA ASN A 23 15.58 -15.67 1.42
C ASN A 23 14.88 -14.38 1.96
N MET A 24 15.62 -13.67 2.79
N MET A 24 15.60 -13.68 2.80
CA MET A 24 15.09 -12.47 3.43
CA MET A 24 15.15 -12.46 3.42
C MET A 24 14.78 -11.35 2.41
C MET A 24 14.81 -11.36 2.39
N GLU A 25 15.66 -11.18 1.41
CA GLU A 25 15.46 -10.21 0.34
C GLU A 25 14.31 -10.63 -0.50
N LEU A 26 14.13 -11.94 -0.77
CA LEU A 26 12.90 -12.42 -1.42
C LEU A 26 11.61 -12.16 -0.62
N TYR A 27 11.67 -12.38 0.69
CA TYR A 27 10.60 -12.06 1.59
C TYR A 27 10.22 -10.57 1.51
N ALA A 28 11.22 -9.70 1.59
CA ALA A 28 11.01 -8.27 1.50
C ALA A 28 10.38 -7.90 0.16
N SER A 29 10.85 -8.51 -0.91
CA SER A 29 10.24 -8.26 -2.24
C SER A 29 8.73 -8.57 -2.20
N TYR A 30 8.38 -9.69 -1.56
CA TYR A 30 6.98 -10.19 -1.56
C TYR A 30 6.15 -9.29 -0.71
N VAL A 31 6.69 -8.83 0.42
CA VAL A 31 5.96 -7.82 1.22
C VAL A 31 5.61 -6.56 0.35
N TYR A 32 6.61 -6.02 -0.31
CA TYR A 32 6.39 -4.82 -1.12
C TYR A 32 5.47 -5.11 -2.32
N GLN A 33 5.52 -6.32 -2.86
N GLN A 33 5.48 -6.32 -2.88
CA GLN A 33 4.54 -6.71 -3.92
CA GLN A 33 4.49 -6.67 -3.93
C GLN A 33 3.17 -6.56 -3.33
C GLN A 33 3.07 -6.71 -3.39
N SER A 34 2.92 -7.18 -2.14
CA SER A 34 1.60 -7.15 -1.50
C SER A 34 1.13 -5.71 -1.33
N MET A 35 2.04 -4.87 -0.82
CA MET A 35 1.73 -3.45 -0.58
C MET A 35 1.36 -2.76 -1.86
N SER A 36 2.13 -3.04 -2.90
CA SER A 36 1.96 -2.40 -4.18
C SER A 36 0.53 -2.70 -4.70
N PHE A 37 0.15 -3.96 -4.63
CA PHE A 37 -1.14 -4.38 -5.07
C PHE A 37 -2.29 -3.85 -4.22
N TYR A 38 -2.11 -3.85 -2.91
CA TYR A 38 -3.11 -3.29 -2.06
C TYR A 38 -3.49 -1.85 -2.41
N PHE A 39 -2.49 -1.05 -2.78
CA PHE A 39 -2.66 0.37 -3.08
C PHE A 39 -3.42 0.58 -4.39
N ASP A 40 -3.60 -0.48 -5.16
CA ASP A 40 -4.46 -0.43 -6.36
C ASP A 40 -5.86 -0.95 -6.15
N ARG A 41 -6.17 -1.40 -4.93
CA ARG A 41 -7.54 -1.77 -4.64
C ARG A 41 -8.45 -0.61 -4.94
N ASP A 42 -9.66 -0.90 -5.45
CA ASP A 42 -10.65 0.18 -5.68
C ASP A 42 -10.96 1.03 -4.48
N ASP A 43 -10.93 0.43 -3.31
CA ASP A 43 -11.21 1.12 -2.05
C ASP A 43 -9.97 1.70 -1.37
N VAL A 44 -8.86 1.71 -2.05
CA VAL A 44 -7.62 2.35 -1.55
C VAL A 44 -7.18 3.38 -2.53
N ALA A 45 -6.90 2.91 -3.73
CA ALA A 45 -6.75 3.74 -4.93
C ALA A 45 -5.73 4.90 -4.78
N LEU A 46 -4.49 4.51 -4.60
CA LEU A 46 -3.41 5.47 -4.45
C LEU A 46 -2.31 5.03 -5.33
N LYS A 47 -2.34 5.54 -6.56
CA LYS A 47 -1.46 5.05 -7.62
C LYS A 47 0.03 5.33 -7.39
N GLY A 48 0.31 6.48 -6.76
CA GLY A 48 1.70 6.78 -6.38
C GLY A 48 2.32 5.81 -5.38
N PHE A 49 1.58 5.48 -4.32
CA PHE A 49 1.97 4.42 -3.43
C PHE A 49 2.11 3.07 -4.15
N ALA A 50 1.11 2.75 -4.96
CA ALA A 50 1.23 1.62 -5.86
C ALA A 50 2.58 1.56 -6.61
N LYS A 51 2.94 2.67 -7.25
CA LYS A 51 4.19 2.71 -8.04
C LYS A 51 5.45 2.63 -7.19
N PHE A 52 5.44 3.34 -6.07
CA PHE A 52 6.58 3.37 -5.17
C PHE A 52 6.90 1.94 -4.64
N PHE A 53 5.87 1.23 -4.17
CA PHE A 53 6.11 -0.12 -3.63
C PHE A 53 6.35 -1.17 -4.69
N LYS A 54 5.85 -0.95 -5.88
CA LYS A 54 6.26 -1.78 -7.03
C LYS A 54 7.75 -1.65 -7.34
N GLU A 55 8.28 -0.45 -7.36
CA GLU A 55 9.74 -0.25 -7.51
C GLU A 55 10.48 -0.90 -6.35
N SER A 56 10.05 -0.66 -5.11
CA SER A 56 10.64 -1.35 -3.97
C SER A 56 10.68 -2.89 -4.08
N SER A 57 9.59 -3.51 -4.54
CA SER A 57 9.56 -4.91 -4.75
C SER A 57 10.59 -5.37 -5.76
N ASP A 58 10.71 -4.64 -6.84
CA ASP A 58 11.70 -4.96 -7.86
C ASP A 58 13.12 -4.86 -7.31
N GLU A 59 13.41 -3.79 -6.61
CA GLU A 59 14.78 -3.62 -6.07
C GLU A 59 15.16 -4.75 -5.08
N GLU A 60 14.22 -5.12 -4.20
CA GLU A 60 14.51 -6.22 -3.32
C GLU A 60 14.77 -7.52 -4.07
N ARG A 61 13.96 -7.82 -5.10
CA ARG A 61 14.19 -9.01 -5.88
C ARG A 61 15.58 -8.96 -6.54
N GLU A 62 15.93 -7.79 -7.05
CA GLU A 62 17.24 -7.55 -7.64
C GLU A 62 18.38 -7.75 -6.68
N HIS A 63 18.21 -7.31 -5.44
N HIS A 63 18.19 -7.33 -5.44
CA HIS A 63 19.17 -7.65 -4.38
CA HIS A 63 19.15 -7.61 -4.37
C HIS A 63 19.31 -9.15 -4.20
C HIS A 63 19.29 -9.10 -4.03
N ALA A 64 18.19 -9.83 -4.06
CA ALA A 64 18.21 -11.27 -3.90
C ALA A 64 19.00 -11.90 -5.04
N GLU A 65 18.79 -11.43 -6.27
CA GLU A 65 19.43 -12.04 -7.41
C GLU A 65 20.93 -11.73 -7.48
N LYS A 66 21.30 -10.55 -7.05
CA LYS A 66 22.72 -10.29 -6.96
C LYS A 66 23.45 -11.19 -5.95
N LEU A 67 22.78 -11.48 -4.81
CA LEU A 67 23.33 -12.40 -3.83
C LEU A 67 23.41 -13.83 -4.40
N MET A 68 22.39 -14.25 -5.15
CA MET A 68 22.45 -15.56 -5.78
C MET A 68 23.66 -15.66 -6.66
N LYS A 69 23.88 -14.67 -7.48
CA LYS A 69 25.00 -14.69 -8.39
C LYS A 69 26.34 -14.62 -7.63
N TYR A 70 26.38 -13.85 -6.55
CA TYR A 70 27.59 -13.78 -5.72
C TYR A 70 27.94 -15.17 -5.14
N GLN A 71 26.92 -15.86 -4.64
CA GLN A 71 27.08 -17.23 -4.07
C GLN A 71 27.83 -18.13 -5.05
N ASN A 72 27.29 -18.18 -6.26
CA ASN A 72 27.83 -18.94 -7.38
C ASN A 72 29.25 -18.51 -7.79
N LYS A 73 29.48 -17.21 -7.81
N LYS A 73 29.47 -17.20 -7.87
CA LYS A 73 30.73 -16.69 -8.20
CA LYS A 73 30.77 -16.69 -8.28
C LYS A 73 31.83 -17.12 -7.27
C LYS A 73 31.86 -17.08 -7.27
N ARG A 74 31.53 -17.14 -5.97
CA ARG A 74 32.50 -17.52 -4.94
C ARG A 74 32.66 -19.05 -4.84
N GLY A 75 31.83 -19.80 -5.54
CA GLY A 75 31.87 -21.27 -5.55
C GLY A 75 30.98 -21.82 -4.46
N GLY A 76 30.13 -20.98 -3.84
CA GLY A 76 29.09 -21.48 -2.97
C GLY A 76 27.91 -22.05 -3.70
N ARG A 77 26.96 -22.62 -2.97
CA ARG A 77 25.84 -23.29 -3.58
C ARG A 77 24.55 -22.73 -3.07
N ILE A 78 23.73 -22.21 -4.00
CA ILE A 78 22.48 -21.58 -3.66
C ILE A 78 21.50 -22.63 -3.09
N VAL A 79 20.96 -22.37 -1.91
CA VAL A 79 19.91 -23.21 -1.29
C VAL A 79 18.71 -22.30 -1.00
N LEU A 80 17.61 -22.57 -1.70
CA LEU A 80 16.40 -21.75 -1.61
C LEU A 80 15.45 -22.41 -0.59
N GLN A 81 14.68 -21.55 0.08
N GLN A 81 14.72 -21.62 0.19
CA GLN A 81 13.69 -21.92 1.11
CA GLN A 81 13.68 -22.15 1.12
C GLN A 81 12.30 -21.34 0.73
C GLN A 81 12.37 -21.39 0.81
N PRO A 82 11.22 -21.78 1.37
CA PRO A 82 9.99 -21.10 1.04
C PRO A 82 10.04 -19.62 1.31
N ILE A 83 9.36 -18.90 0.47
CA ILE A 83 9.20 -17.48 0.65
C ILE A 83 7.93 -17.30 1.39
N SER A 84 8.03 -17.00 2.67
CA SER A 84 6.87 -16.84 3.54
C SER A 84 5.95 -15.68 3.11
N LYS A 85 4.65 -15.86 3.28
N LYS A 85 4.65 -15.84 3.32
CA LYS A 85 3.72 -14.82 2.93
CA LYS A 85 3.71 -14.83 2.91
C LYS A 85 3.95 -13.64 3.85
C LYS A 85 3.81 -13.66 3.88
N PRO A 86 3.56 -12.44 3.40
CA PRO A 86 3.72 -11.22 4.26
C PRO A 86 2.90 -11.32 5.51
N ASP A 87 3.29 -10.53 6.49
CA ASP A 87 2.69 -10.42 7.81
C ASP A 87 1.16 -10.04 7.80
N ARG A 88 0.77 -9.25 6.80
N ARG A 88 0.79 -9.20 6.85
CA ARG A 88 -0.58 -8.75 6.64
CA ARG A 88 -0.57 -8.70 6.59
C ARG A 88 -1.08 -8.96 5.21
C ARG A 88 -1.10 -9.11 5.21
N ASP A 89 -2.41 -8.98 5.06
CA ASP A 89 -3.06 -8.94 3.75
C ASP A 89 -3.40 -7.50 3.32
N GLU A 90 -3.50 -6.59 4.29
CA GLU A 90 -3.90 -5.18 4.09
C GLU A 90 -3.00 -4.32 4.88
N TRP A 91 -2.75 -3.12 4.39
CA TRP A 91 -1.61 -2.33 4.85
C TRP A 91 -1.90 -0.90 5.27
N GLY A 92 -3.18 -0.60 5.52
CA GLY A 92 -3.64 0.63 6.12
C GLY A 92 -3.45 1.88 5.22
N SER A 93 -3.14 3.00 5.84
N SER A 93 -3.22 3.03 5.85
CA SER A 93 -2.97 4.26 5.15
CA SER A 93 -3.08 4.30 5.13
C SER A 93 -1.63 4.27 4.47
C SER A 93 -1.65 4.38 4.59
N GLY A 94 -1.40 5.31 3.66
CA GLY A 94 -0.03 5.49 3.12
C GLY A 94 1.01 5.71 4.24
N LEU A 95 0.67 6.55 5.21
CA LEU A 95 1.56 6.68 6.41
C LEU A 95 1.89 5.30 7.08
N ASP A 96 0.84 4.51 7.34
CA ASP A 96 0.92 3.17 7.95
C ASP A 96 1.89 2.28 7.16
N ALA A 97 1.65 2.23 5.87
CA ALA A 97 2.50 1.42 5.00
C ALA A 97 4.00 1.89 4.98
N MET A 98 4.25 3.19 5.03
CA MET A 98 5.63 3.71 5.13
C MET A 98 6.31 3.36 6.43
N LYS A 99 5.56 3.36 7.53
N LYS A 99 5.55 3.40 7.53
CA LYS A 99 6.12 2.94 8.82
CA LYS A 99 6.00 2.93 8.84
C LYS A 99 6.41 1.45 8.83
C LYS A 99 6.41 1.48 8.78
N ALA A 100 5.56 0.69 8.18
CA ALA A 100 5.79 -0.74 8.00
C ALA A 100 7.06 -1.03 7.13
N ALA A 101 7.25 -0.26 6.07
CA ALA A 101 8.41 -0.34 5.28
C ALA A 101 9.69 0.03 6.02
N LEU A 102 9.65 1.08 6.81
CA LEU A 102 10.85 1.47 7.57
C LEU A 102 11.27 0.31 8.46
N ASN A 103 10.31 -0.29 9.15
CA ASN A 103 10.62 -1.42 10.04
C ASN A 103 11.26 -2.60 9.30
N LEU A 104 10.69 -2.90 8.15
CA LEU A 104 11.24 -3.91 7.27
C LEU A 104 12.65 -3.59 6.87
N GLU A 105 12.88 -2.38 6.39
CA GLU A 105 14.20 -2.00 5.89
C GLU A 105 15.27 -1.99 6.98
N LYS A 106 14.88 -1.63 8.18
CA LYS A 106 15.82 -1.63 9.32
C LYS A 106 16.16 -3.09 9.71
N SER A 107 15.18 -3.98 9.59
CA SER A 107 15.42 -5.41 9.89
C SER A 107 16.34 -6.01 8.79
N VAL A 108 16.08 -5.65 7.55
CA VAL A 108 16.95 -6.05 6.46
C VAL A 108 18.37 -5.51 6.66
N ASN A 109 18.47 -4.23 7.04
CA ASN A 109 19.81 -3.63 7.27
C ASN A 109 20.53 -4.34 8.38
N GLN A 110 19.85 -4.66 9.48
CA GLN A 110 20.52 -5.38 10.56
C GLN A 110 21.05 -6.72 10.04
N SER A 111 20.24 -7.40 9.22
CA SER A 111 20.67 -8.66 8.68
C SER A 111 21.88 -8.50 7.79
N LEU A 112 21.92 -7.41 7.03
CA LEU A 112 23.08 -7.13 6.19
C LEU A 112 24.34 -6.78 7.02
N LEU A 113 24.14 -6.07 8.09
CA LEU A 113 25.29 -5.69 8.95
C LEU A 113 25.83 -6.96 9.64
N GLU A 114 24.93 -7.86 9.95
CA GLU A 114 25.23 -9.16 10.49
C GLU A 114 26.06 -9.95 9.53
N LEU A 115 25.62 -9.93 8.28
CA LEU A 115 26.29 -10.62 7.20
C LEU A 115 27.72 -10.08 7.03
N HIS A 116 27.87 -8.76 7.10
CA HIS A 116 29.18 -8.15 6.98
C HIS A 116 30.06 -8.61 8.16
N LYS A 117 29.47 -8.76 9.34
CA LYS A 117 30.14 -9.24 10.53
C LYS A 117 30.69 -10.66 10.32
N VAL A 118 29.88 -11.51 9.73
CA VAL A 118 30.29 -12.90 9.40
C VAL A 118 31.54 -12.87 8.48
N ALA A 119 31.49 -12.01 7.46
CA ALA A 119 32.56 -11.83 6.53
C ALA A 119 33.84 -11.35 7.26
N ASP A 120 33.70 -10.43 8.22
CA ASP A 120 34.78 -9.93 9.07
C ASP A 120 35.38 -11.09 9.89
N SER A 121 34.52 -11.83 10.56
CA SER A 121 34.93 -12.98 11.39
C SER A 121 35.82 -13.94 10.63
N HIS A 122 35.51 -14.15 9.36
CA HIS A 122 36.25 -15.08 8.50
C HIS A 122 37.28 -14.39 7.60
N GLY A 123 37.55 -13.13 7.90
CA GLY A 123 38.57 -12.41 7.21
C GLY A 123 38.39 -12.45 5.70
N ASP A 124 37.15 -12.23 5.27
CA ASP A 124 36.80 -12.26 3.88
C ASP A 124 36.64 -10.83 3.41
N ALA A 125 37.77 -10.28 2.99
CA ALA A 125 37.84 -8.89 2.56
C ALA A 125 36.98 -8.62 1.36
N GLN A 126 37.02 -9.53 0.41
CA GLN A 126 36.24 -9.33 -0.81
C GLN A 126 34.74 -9.30 -0.52
N MET A 127 34.27 -10.24 0.32
CA MET A 127 32.86 -10.27 0.67
C MET A 127 32.45 -8.97 1.38
N CYS A 128 33.31 -8.48 2.27
CA CYS A 128 32.98 -7.23 3.00
C CYS A 128 32.70 -6.09 2.05
N ASP A 129 33.63 -5.93 1.11
CA ASP A 129 33.55 -4.89 0.08
C ASP A 129 32.28 -5.06 -0.76
N PHE A 130 31.99 -6.29 -1.16
CA PHE A 130 30.80 -6.61 -1.93
C PHE A 130 29.53 -6.16 -1.18
N LEU A 131 29.45 -6.46 0.10
N LEU A 131 29.47 -6.47 0.09
CA LEU A 131 28.32 -6.04 0.92
CA LEU A 131 28.35 -6.07 0.89
C LEU A 131 28.26 -4.52 1.08
C LEU A 131 28.27 -4.53 1.09
N GLU A 132 29.38 -3.90 1.35
CA GLU A 132 29.45 -2.46 1.55
C GLU A 132 28.95 -1.68 0.31
N GLY A 133 29.49 -2.06 -0.84
CA GLY A 133 29.25 -1.27 -2.02
C GLY A 133 27.92 -1.59 -2.66
N GLU A 134 27.47 -2.81 -2.57
CA GLU A 134 26.23 -3.24 -3.13
C GLU A 134 24.99 -3.17 -2.30
N TYR A 135 25.10 -3.21 -1.00
CA TYR A 135 23.88 -3.18 -0.13
C TYR A 135 23.89 -2.13 0.94
N LEU A 136 25.00 -1.93 1.65
CA LEU A 136 24.96 -1.10 2.86
C LEU A 136 24.67 0.37 2.54
N GLU A 137 25.21 0.89 1.44
CA GLU A 137 25.03 2.29 1.08
C GLU A 137 23.61 2.55 0.65
N GLU A 138 23.07 1.69 -0.21
N GLU A 138 23.10 1.68 -0.24
CA GLU A 138 21.67 1.83 -0.66
CA GLU A 138 21.68 1.68 -0.65
C GLU A 138 20.68 1.62 0.51
C GLU A 138 20.80 1.74 0.59
N GLN A 139 21.05 0.83 1.52
CA GLN A 139 20.17 0.66 2.69
C GLN A 139 20.08 1.90 3.52
N VAL A 140 21.22 2.57 3.75
CA VAL A 140 21.19 3.81 4.55
C VAL A 140 20.43 4.90 3.79
N GLU A 141 20.62 4.95 2.45
CA GLU A 141 19.78 5.89 1.61
C GLU A 141 18.33 5.61 1.65
N ALA A 142 17.95 4.34 1.53
CA ALA A 142 16.54 3.99 1.62
C ALA A 142 15.90 4.31 3.00
N ILE A 143 16.63 4.02 4.08
CA ILE A 143 16.12 4.25 5.40
C ILE A 143 15.92 5.80 5.60
N LYS A 144 16.83 6.62 5.11
CA LYS A 144 16.64 8.08 5.20
C LYS A 144 15.43 8.54 4.35
N ASP A 145 15.33 8.07 3.12
CA ASP A 145 14.26 8.37 2.18
C ASP A 145 12.88 8.08 2.83
N LEU A 146 12.68 6.85 3.43
N LEU A 146 12.79 6.89 3.27
CA LEU A 146 11.44 6.41 4.09
CA LEU A 146 11.52 6.54 3.89
C LEU A 146 11.16 7.22 5.30
C LEU A 146 11.20 7.24 5.21
N SER A 147 12.21 7.55 6.03
CA SER A 147 12.03 8.43 7.18
C SER A 147 11.51 9.86 6.82
N ASP A 148 12.01 10.42 5.73
CA ASP A 148 11.61 11.73 5.20
C ASP A 148 10.12 11.59 4.80
N ARG A 149 9.76 10.49 4.16
CA ARG A 149 8.34 10.26 3.78
C ARG A 149 7.39 10.19 4.93
N ILE A 150 7.77 9.46 5.97
CA ILE A 150 6.96 9.40 7.18
C ILE A 150 6.72 10.83 7.76
N THR A 151 7.79 11.64 7.88
CA THR A 151 7.66 12.98 8.38
C THR A 151 6.65 13.75 7.58
N ASN A 152 6.76 13.62 6.27
CA ASN A 152 5.87 14.41 5.38
C ASN A 152 4.42 13.86 5.37
N LEU A 153 4.24 12.56 5.57
CA LEU A 153 2.88 12.00 5.59
C LEU A 153 2.16 12.42 6.89
N ASN A 154 2.90 12.52 7.98
CA ASN A 154 2.39 13.10 9.22
C ASN A 154 2.11 14.58 9.05
N ARG A 155 3.02 15.27 8.40
CA ARG A 155 2.82 16.70 8.10
C ARG A 155 1.51 16.97 7.34
N VAL A 156 1.29 16.27 6.24
CA VAL A 156 0.16 16.58 5.40
C VAL A 156 -1.19 16.13 5.97
N GLY A 157 -1.20 15.15 6.88
CA GLY A 157 -2.36 14.62 7.45
C GLY A 157 -3.13 13.69 6.49
N LYS A 158 -4.22 13.21 6.99
CA LYS A 158 -5.11 12.29 6.34
C LYS A 158 -6.01 12.99 5.31
N GLY A 159 -6.59 12.27 4.38
CA GLY A 159 -7.54 12.94 3.43
C GLY A 159 -6.86 13.61 2.26
N LEU A 160 -7.11 14.92 2.07
CA LEU A 160 -6.50 15.65 1.01
C LEU A 160 -4.96 15.61 1.04
N GLY A 161 -4.35 15.63 2.22
CA GLY A 161 -2.89 15.62 2.34
C GLY A 161 -2.34 14.34 1.77
N GLU A 162 -2.94 13.21 2.15
CA GLU A 162 -2.48 11.91 1.60
C GLU A 162 -2.58 11.84 0.07
N TRP A 163 -3.67 12.39 -0.41
CA TRP A 163 -3.93 12.49 -1.83
C TRP A 163 -2.82 13.26 -2.53
N HIS A 164 -2.50 14.40 -1.99
CA HIS A 164 -1.52 15.27 -2.65
C HIS A 164 -0.11 14.67 -2.59
N TYR A 165 0.22 14.03 -1.47
CA TYR A 165 1.47 13.29 -1.32
C TYR A 165 1.59 12.21 -2.38
N ASP A 166 0.50 11.46 -2.56
CA ASP A 166 0.48 10.35 -3.51
C ASP A 166 0.72 10.86 -4.97
N GLN A 167 0.11 12.01 -5.31
CA GLN A 167 0.30 12.61 -6.63
C GLN A 167 1.75 12.98 -6.85
N LYS A 168 2.38 13.55 -5.83
CA LYS A 168 3.78 13.85 -5.94
C LYS A 168 4.66 12.62 -5.98
N LEU A 169 4.28 11.51 -5.32
CA LEU A 169 5.00 10.23 -5.55
C LEU A 169 4.99 9.84 -6.97
N LEU A 170 3.83 9.89 -7.59
CA LEU A 170 3.67 9.62 -8.99
C LEU A 170 4.52 10.54 -9.84
N SER A 171 4.57 11.83 -9.55
CA SER A 171 5.33 12.78 -10.42
C SER A 171 6.81 12.43 -10.39
N ALA B 2 -21.33 -4.88 1.97
CA ALA B 2 -20.89 -6.30 1.78
C ALA B 2 -19.97 -6.43 0.53
N GLU B 3 -20.53 -6.23 -0.66
CA GLU B 3 -19.76 -6.35 -1.91
C GLU B 3 -18.77 -5.16 -2.05
N THR B 4 -17.60 -5.37 -2.64
CA THR B 4 -16.84 -4.23 -3.14
C THR B 4 -17.60 -3.50 -4.31
N MET B 5 -17.37 -2.20 -4.36
CA MET B 5 -18.01 -1.29 -5.27
C MET B 5 -18.02 -1.76 -6.75
N PRO B 6 -16.90 -2.26 -7.27
CA PRO B 6 -16.90 -2.68 -8.70
C PRO B 6 -17.54 -4.05 -8.97
N ARG B 7 -17.74 -4.83 -7.92
CA ARG B 7 -18.00 -6.23 -8.07
C ARG B 7 -19.28 -6.48 -8.83
N GLN B 8 -19.20 -7.26 -9.92
CA GLN B 8 -20.40 -7.57 -10.69
C GLN B 8 -20.18 -8.83 -11.49
N ASN B 9 -21.06 -9.81 -11.31
CA ASN B 9 -20.93 -11.12 -11.95
C ASN B 9 -19.61 -11.81 -11.65
N PHE B 10 -19.09 -11.64 -10.44
CA PHE B 10 -17.75 -12.19 -10.08
C PHE B 10 -17.93 -13.08 -8.88
N HIS B 11 -17.86 -14.39 -9.13
CA HIS B 11 -18.21 -15.40 -8.10
C HIS B 11 -17.08 -15.61 -7.09
N GLN B 12 -17.45 -15.91 -5.86
N GLN B 12 -17.43 -15.92 -5.85
CA GLN B 12 -16.51 -16.23 -4.81
CA GLN B 12 -16.47 -16.22 -4.78
C GLN B 12 -15.57 -17.32 -5.23
C GLN B 12 -15.48 -17.36 -5.16
N ASP B 13 -16.07 -18.35 -5.86
CA ASP B 13 -15.34 -19.51 -6.34
C ASP B 13 -14.23 -19.02 -7.32
N SER B 14 -14.59 -18.14 -8.23
CA SER B 14 -13.65 -17.60 -9.21
C SER B 14 -12.54 -16.78 -8.51
N GLU B 15 -12.95 -15.90 -7.62
CA GLU B 15 -12.02 -15.14 -6.77
C GLU B 15 -11.01 -16.04 -6.04
N ALA B 16 -11.50 -17.13 -5.37
CA ALA B 16 -10.58 -18.02 -4.63
C ALA B 16 -9.66 -18.68 -5.60
N GLY B 17 -10.21 -19.06 -6.75
CA GLY B 17 -9.39 -19.73 -7.72
C GLY B 17 -8.29 -18.90 -8.41
N ILE B 18 -8.60 -17.63 -8.61
CA ILE B 18 -7.59 -16.66 -9.01
C ILE B 18 -6.46 -16.58 -8.01
N ASN B 19 -6.79 -16.48 -6.71
CA ASN B 19 -5.75 -16.50 -5.70
C ASN B 19 -4.89 -17.76 -5.72
N LYS B 20 -5.52 -18.94 -5.91
CA LYS B 20 -4.69 -20.16 -6.07
C LYS B 20 -3.78 -20.07 -7.32
N GLN B 21 -4.32 -19.58 -8.43
CA GLN B 21 -3.54 -19.46 -9.63
C GLN B 21 -2.34 -18.51 -9.45
N ILE B 22 -2.53 -17.40 -8.75
CA ILE B 22 -1.44 -16.42 -8.47
C ILE B 22 -0.27 -17.14 -7.73
N ASN B 23 -0.62 -17.96 -6.72
CA ASN B 23 0.39 -18.75 -6.03
C ASN B 23 1.17 -19.71 -6.93
N MET B 24 0.47 -20.39 -7.83
N MET B 24 0.45 -20.38 -7.82
CA MET B 24 1.10 -21.32 -8.74
CA MET B 24 1.03 -21.32 -8.77
C MET B 24 2.01 -20.65 -9.78
C MET B 24 2.00 -20.64 -9.75
N GLU B 25 1.63 -19.46 -10.25
CA GLU B 25 2.45 -18.70 -11.18
C GLU B 25 3.72 -18.21 -10.45
N LEU B 26 3.59 -17.83 -9.18
CA LEU B 26 4.74 -17.48 -8.34
C LEU B 26 5.68 -18.65 -8.11
N TYR B 27 5.08 -19.79 -7.82
CA TYR B 27 5.84 -20.98 -7.57
C TYR B 27 6.62 -21.32 -8.86
N ALA B 28 5.95 -21.28 -10.01
CA ALA B 28 6.66 -21.53 -11.31
C ALA B 28 7.80 -20.54 -11.56
N SER B 29 7.58 -19.27 -11.19
CA SER B 29 8.65 -18.27 -11.31
C SER B 29 9.88 -18.70 -10.51
N TYR B 30 9.63 -19.17 -9.29
CA TYR B 30 10.65 -19.56 -8.37
C TYR B 30 11.40 -20.77 -8.89
N VAL B 31 10.69 -21.76 -9.42
CA VAL B 31 11.33 -22.96 -10.03
C VAL B 31 12.29 -22.52 -11.14
N TYR B 32 11.80 -21.64 -12.02
CA TYR B 32 12.62 -21.15 -13.11
C TYR B 32 13.80 -20.32 -12.66
N GLN B 33 13.62 -19.52 -11.60
N GLN B 33 13.62 -19.52 -11.59
CA GLN B 33 14.72 -18.78 -10.97
CA GLN B 33 14.74 -18.79 -10.98
C GLN B 33 15.80 -19.77 -10.51
C GLN B 33 15.81 -19.78 -10.52
N SER B 34 15.39 -20.84 -9.84
CA SER B 34 16.32 -21.83 -9.31
C SER B 34 17.09 -22.46 -10.46
N MET B 35 16.37 -22.80 -11.53
CA MET B 35 17.03 -23.43 -12.68
C MET B 35 18.03 -22.47 -13.36
N SER B 36 17.59 -21.23 -13.55
CA SER B 36 18.42 -20.23 -14.13
C SER B 36 19.77 -20.07 -13.42
N PHE B 37 19.73 -19.98 -12.10
CA PHE B 37 20.90 -19.80 -11.29
C PHE B 37 21.76 -21.04 -11.28
N TYR B 38 21.13 -22.20 -11.27
CA TYR B 38 21.87 -23.45 -11.35
C TYR B 38 22.76 -23.50 -12.60
N PHE B 39 22.23 -23.02 -13.72
CA PHE B 39 22.94 -23.10 -14.96
C PHE B 39 24.17 -22.14 -15.02
N ASP B 40 24.26 -21.21 -14.07
N ASP B 40 24.26 -21.24 -14.05
CA ASP B 40 25.45 -20.34 -13.91
CA ASP B 40 25.43 -20.40 -13.89
C ASP B 40 26.34 -20.83 -12.79
C ASP B 40 26.43 -20.91 -12.95
N ARG B 41 26.16 -22.04 -12.30
CA ARG B 41 27.18 -22.62 -11.43
C ARG B 41 28.48 -22.82 -12.22
N ASP B 42 29.62 -22.72 -11.57
CA ASP B 42 30.90 -22.93 -12.26
C ASP B 42 31.04 -24.33 -12.89
N ASP B 43 30.42 -25.31 -12.27
CA ASP B 43 30.49 -26.71 -12.71
C ASP B 43 29.31 -27.11 -13.61
N VAL B 44 28.53 -26.14 -14.06
CA VAL B 44 27.45 -26.37 -15.02
C VAL B 44 27.74 -25.46 -16.21
N ALA B 45 27.67 -24.15 -16.00
CA ALA B 45 28.21 -23.16 -16.94
C ALA B 45 27.63 -23.20 -18.34
N LEU B 46 26.30 -23.07 -18.36
CA LEU B 46 25.58 -22.99 -19.60
C LEU B 46 24.77 -21.68 -19.60
N LYS B 47 25.35 -20.64 -20.19
CA LYS B 47 24.75 -19.33 -20.18
C LYS B 47 23.47 -19.16 -20.96
N GLY B 48 23.34 -19.91 -22.06
CA GLY B 48 22.07 -19.95 -22.81
C GLY B 48 20.91 -20.46 -22.00
N PHE B 49 21.09 -21.63 -21.34
CA PHE B 49 20.16 -22.15 -20.39
C PHE B 49 19.89 -21.18 -19.26
N ALA B 50 20.94 -20.56 -18.75
CA ALA B 50 20.77 -19.52 -17.70
C ALA B 50 19.78 -18.42 -18.17
N LYS B 51 20.04 -17.91 -19.37
CA LYS B 51 19.26 -16.79 -19.91
C LYS B 51 17.84 -17.20 -20.21
N PHE B 52 17.71 -18.38 -20.79
CA PHE B 52 16.42 -18.89 -21.12
C PHE B 52 15.46 -19.04 -19.89
N PHE B 53 15.98 -19.67 -18.86
CA PHE B 53 15.20 -19.83 -17.64
C PHE B 53 15.00 -18.55 -16.84
N LYS B 54 15.91 -17.59 -16.96
CA LYS B 54 15.74 -16.24 -16.40
C LYS B 54 14.56 -15.56 -17.02
N GLU B 55 14.52 -15.63 -18.32
CA GLU B 55 13.33 -15.09 -19.07
C GLU B 55 12.04 -15.76 -18.65
N SER B 56 12.05 -17.10 -18.54
CA SER B 56 10.88 -17.83 -18.13
C SER B 56 10.43 -17.47 -16.71
N SER B 57 11.39 -17.31 -15.80
CA SER B 57 11.07 -16.85 -14.49
C SER B 57 10.38 -15.48 -14.54
N ASP B 58 10.91 -14.54 -15.30
CA ASP B 58 10.29 -13.23 -15.37
C ASP B 58 8.85 -13.31 -15.90
N GLU B 59 8.63 -14.12 -16.92
CA GLU B 59 7.31 -14.23 -17.54
C GLU B 59 6.31 -14.80 -16.55
N GLU B 60 6.71 -15.84 -15.83
CA GLU B 60 5.80 -16.38 -14.85
C GLU B 60 5.40 -15.35 -13.77
N ARG B 61 6.37 -14.59 -13.26
CA ARG B 61 6.08 -13.53 -12.31
C ARG B 61 5.13 -12.48 -12.92
N GLU B 62 5.37 -12.12 -14.18
CA GLU B 62 4.48 -11.24 -14.87
C GLU B 62 3.08 -11.80 -14.96
N HIS B 63 2.97 -13.11 -15.21
N HIS B 63 2.97 -13.09 -15.22
CA HIS B 63 1.64 -13.74 -15.23
CA HIS B 63 1.65 -13.72 -15.27
C HIS B 63 0.97 -13.56 -13.89
C HIS B 63 0.95 -13.64 -13.90
N ALA B 64 1.68 -13.89 -12.81
CA ALA B 64 1.11 -13.75 -11.47
C ALA B 64 0.62 -12.34 -11.26
N GLU B 65 1.44 -11.35 -11.61
CA GLU B 65 1.11 -9.94 -11.38
C GLU B 65 -0.08 -9.53 -12.23
N LYS B 66 -0.21 -10.08 -13.43
CA LYS B 66 -1.43 -9.81 -14.22
C LYS B 66 -2.70 -10.30 -13.53
N LEU B 67 -2.64 -11.50 -12.95
CA LEU B 67 -3.75 -12.05 -12.17
C LEU B 67 -4.05 -11.26 -10.90
N MET B 68 -3.01 -10.76 -10.24
CA MET B 68 -3.17 -9.85 -9.08
C MET B 68 -4.00 -8.60 -9.49
N LYS B 69 -3.62 -7.95 -10.59
CA LYS B 69 -4.32 -6.73 -11.04
C LYS B 69 -5.73 -7.12 -11.44
N TYR B 70 -5.92 -8.28 -12.12
CA TYR B 70 -7.25 -8.77 -12.45
C TYR B 70 -8.18 -8.94 -11.25
N GLN B 71 -7.71 -9.65 -10.21
CA GLN B 71 -8.41 -9.79 -9.02
C GLN B 71 -8.97 -8.40 -8.54
N ASN B 72 -8.09 -7.44 -8.37
CA ASN B 72 -8.41 -6.08 -7.95
C ASN B 72 -9.42 -5.40 -8.87
N LYS B 73 -9.22 -5.56 -10.15
N LYS B 73 -9.21 -5.52 -10.17
CA LYS B 73 -10.08 -4.94 -11.10
CA LYS B 73 -10.09 -4.89 -11.13
C LYS B 73 -11.52 -5.40 -11.04
C LYS B 73 -11.53 -5.40 -11.06
N ARG B 74 -11.72 -6.70 -10.82
CA ARG B 74 -13.07 -7.24 -10.68
C ARG B 74 -13.63 -7.00 -9.31
N GLY B 75 -12.86 -6.51 -8.38
CA GLY B 75 -13.35 -6.25 -7.02
C GLY B 75 -13.15 -7.38 -6.05
N GLY B 76 -12.34 -8.37 -6.44
CA GLY B 76 -11.89 -9.42 -5.54
C GLY B 76 -10.70 -8.97 -4.72
N ARG B 77 -10.27 -9.81 -3.78
CA ARG B 77 -9.24 -9.40 -2.82
C ARG B 77 -8.10 -10.36 -2.87
N ILE B 78 -6.92 -9.85 -3.21
CA ILE B 78 -5.72 -10.67 -3.32
C ILE B 78 -5.40 -11.31 -1.95
N VAL B 79 -5.19 -12.62 -1.97
CA VAL B 79 -4.74 -13.33 -0.78
C VAL B 79 -3.53 -14.17 -1.16
N LEU B 80 -2.40 -13.81 -0.56
CA LEU B 80 -1.10 -14.42 -0.90
C LEU B 80 -0.79 -15.53 0.09
N GLN B 81 -0.08 -16.56 -0.37
CA GLN B 81 0.35 -17.73 0.46
C GLN B 81 1.87 -17.89 0.33
N PRO B 82 2.55 -18.65 1.18
CA PRO B 82 3.94 -18.85 0.92
C PRO B 82 4.18 -19.43 -0.47
N ILE B 83 5.30 -19.02 -0.99
CA ILE B 83 5.78 -19.55 -2.26
C ILE B 83 6.74 -20.68 -1.90
N SER B 84 6.30 -21.89 -2.11
CA SER B 84 7.08 -23.05 -1.68
C SER B 84 8.39 -23.13 -2.49
N LYS B 85 9.43 -23.60 -1.87
CA LYS B 85 10.68 -23.79 -2.56
C LYS B 85 10.48 -24.93 -3.59
N PRO B 86 11.29 -24.92 -4.65
CA PRO B 86 11.23 -25.97 -5.65
C PRO B 86 11.57 -27.36 -5.07
N ASP B 87 11.12 -28.40 -5.76
CA ASP B 87 11.34 -29.76 -5.33
C ASP B 87 12.84 -30.18 -5.40
N ARG B 88 13.64 -29.50 -6.23
N ARG B 88 13.64 -29.47 -6.18
CA ARG B 88 15.09 -29.77 -6.33
CA ARG B 88 15.05 -29.76 -6.33
C ARG B 88 15.92 -28.53 -6.03
C ARG B 88 15.94 -28.53 -6.05
N ASP B 89 17.18 -28.76 -5.66
CA ASP B 89 18.16 -27.71 -5.60
C ASP B 89 19.05 -27.70 -6.88
N GLU B 90 19.08 -28.83 -7.62
CA GLU B 90 19.93 -29.04 -8.82
C GLU B 90 19.06 -29.69 -9.87
N TRP B 91 19.31 -29.37 -11.13
CA TRP B 91 18.37 -29.69 -12.20
C TRP B 91 18.94 -30.48 -13.38
N GLY B 92 20.13 -31.05 -13.19
CA GLY B 92 20.70 -31.99 -14.17
C GLY B 92 21.22 -31.35 -15.48
N SER B 93 21.10 -32.08 -16.58
N SER B 93 21.06 -32.09 -16.57
CA SER B 93 21.46 -31.60 -17.90
CA SER B 93 21.52 -31.70 -17.90
C SER B 93 20.45 -30.58 -18.41
C SER B 93 20.46 -30.75 -18.51
N GLY B 94 20.85 -29.96 -19.51
CA GLY B 94 19.97 -29.07 -20.25
C GLY B 94 18.72 -29.81 -20.66
N LEU B 95 18.88 -31.04 -21.14
CA LEU B 95 17.70 -31.85 -21.51
C LEU B 95 16.75 -32.18 -20.30
N ASP B 96 17.35 -32.52 -19.16
CA ASP B 96 16.70 -32.83 -17.91
C ASP B 96 15.88 -31.59 -17.52
N ALA B 97 16.51 -30.45 -17.54
CA ALA B 97 15.84 -29.20 -17.14
C ALA B 97 14.66 -28.83 -18.04
N MET B 98 14.81 -29.04 -19.36
CA MET B 98 13.73 -28.83 -20.28
C MET B 98 12.56 -29.75 -20.09
N LYS B 99 12.83 -31.02 -19.77
N LYS B 99 12.82 -30.99 -19.73
CA LYS B 99 11.76 -31.97 -19.47
CA LYS B 99 11.79 -31.99 -19.48
C LYS B 99 11.01 -31.57 -18.22
C LYS B 99 11.04 -31.65 -18.20
N ALA B 100 11.79 -31.13 -17.25
CA ALA B 100 11.23 -30.65 -16.02
C ALA B 100 10.35 -29.34 -16.29
N ALA B 101 10.80 -28.44 -17.17
CA ALA B 101 10.05 -27.27 -17.55
C ALA B 101 8.74 -27.68 -18.23
N LEU B 102 8.79 -28.64 -19.18
CA LEU B 102 7.58 -29.10 -19.84
C LEU B 102 6.53 -29.60 -18.87
N ASN B 103 6.91 -30.43 -17.90
N ASN B 103 6.92 -30.42 -17.91
CA ASN B 103 5.95 -30.93 -16.89
CA ASN B 103 5.97 -30.89 -16.93
C ASN B 103 5.36 -29.79 -16.05
C ASN B 103 5.35 -29.73 -16.17
N LEU B 104 6.18 -28.79 -15.74
CA LEU B 104 5.71 -27.60 -15.00
C LEU B 104 4.67 -26.85 -15.81
N GLU B 105 5.01 -26.58 -17.06
CA GLU B 105 4.11 -25.78 -17.92
C GLU B 105 2.80 -26.51 -18.19
N LYS B 106 2.86 -27.84 -18.29
CA LYS B 106 1.65 -28.63 -18.41
C LYS B 106 0.78 -28.60 -17.15
N SER B 107 1.42 -28.62 -16.00
CA SER B 107 0.69 -28.45 -14.72
C SER B 107 0.04 -27.06 -14.61
N VAL B 108 0.79 -26.03 -14.92
CA VAL B 108 0.23 -24.72 -15.01
C VAL B 108 -0.94 -24.62 -16.00
N ASN B 109 -0.81 -25.23 -17.20
CA ASN B 109 -1.83 -25.11 -18.20
C ASN B 109 -3.07 -25.80 -17.73
N GLN B 110 -2.96 -26.97 -17.13
CA GLN B 110 -4.15 -27.62 -16.61
C GLN B 110 -4.89 -26.76 -15.58
N SER B 111 -4.11 -26.12 -14.70
CA SER B 111 -4.68 -25.19 -13.72
C SER B 111 -5.42 -24.02 -14.41
N LEU B 112 -4.88 -23.53 -15.53
CA LEU B 112 -5.52 -22.41 -16.23
C LEU B 112 -6.80 -22.89 -16.93
N LEU B 113 -6.75 -24.10 -17.48
CA LEU B 113 -7.92 -24.74 -18.07
C LEU B 113 -9.03 -24.93 -17.03
N GLU B 114 -8.68 -25.35 -15.82
N GLU B 114 -8.62 -25.41 -15.84
CA GLU B 114 -9.69 -25.49 -14.76
CA GLU B 114 -9.44 -25.53 -14.59
C GLU B 114 -10.16 -24.13 -14.27
C GLU B 114 -10.06 -24.20 -14.17
N LEU B 115 -9.28 -23.13 -14.27
CA LEU B 115 -9.74 -21.79 -13.94
C LEU B 115 -10.75 -21.30 -14.98
N HIS B 116 -10.51 -21.61 -16.23
CA HIS B 116 -11.45 -21.24 -17.29
C HIS B 116 -12.81 -21.94 -17.10
N LYS B 117 -12.79 -23.19 -16.67
CA LYS B 117 -13.97 -23.96 -16.38
C LYS B 117 -14.76 -23.35 -15.22
N VAL B 118 -14.04 -22.89 -14.21
CA VAL B 118 -14.67 -22.21 -13.07
C VAL B 118 -15.40 -20.95 -13.55
N ALA B 119 -14.78 -20.19 -14.42
CA ALA B 119 -15.43 -19.02 -15.01
C ALA B 119 -16.65 -19.46 -15.86
N ASP B 120 -16.53 -20.56 -16.59
CA ASP B 120 -17.61 -21.11 -17.39
C ASP B 120 -18.80 -21.44 -16.49
N SER B 121 -18.49 -22.15 -15.45
CA SER B 121 -19.48 -22.63 -14.45
C SER B 121 -20.30 -21.49 -13.91
N HIS B 122 -19.68 -20.33 -13.75
CA HIS B 122 -20.35 -19.18 -13.18
C HIS B 122 -20.76 -18.17 -14.21
N GLY B 123 -20.75 -18.58 -15.45
CA GLY B 123 -21.12 -17.70 -16.55
C GLY B 123 -20.44 -16.35 -16.53
N ASP B 124 -19.14 -16.40 -16.30
CA ASP B 124 -18.35 -15.19 -16.26
C ASP B 124 -17.63 -15.10 -17.60
N ALA B 125 -18.26 -14.41 -18.54
CA ALA B 125 -17.74 -14.30 -19.92
C ALA B 125 -16.50 -13.46 -19.98
N GLN B 126 -16.44 -12.43 -19.18
CA GLN B 126 -15.27 -11.55 -19.19
C GLN B 126 -14.03 -12.28 -18.66
N MET B 127 -14.19 -13.04 -17.58
CA MET B 127 -13.08 -13.84 -17.03
C MET B 127 -12.58 -14.89 -18.01
N CYS B 128 -13.52 -15.54 -18.67
CA CYS B 128 -13.13 -16.50 -19.74
C CYS B 128 -12.25 -15.91 -20.81
N ASP B 129 -12.67 -14.75 -21.30
CA ASP B 129 -11.93 -14.04 -22.36
C ASP B 129 -10.55 -13.60 -21.82
N PHE B 130 -10.53 -13.10 -20.60
CA PHE B 130 -9.24 -12.66 -20.00
C PHE B 130 -8.24 -13.85 -19.93
N LEU B 131 -8.72 -15.03 -19.54
N LEU B 131 -8.76 -14.98 -19.48
CA LEU B 131 -7.86 -16.19 -19.48
CA LEU B 131 -8.02 -16.22 -19.45
C LEU B 131 -7.41 -16.68 -20.86
C LEU B 131 -7.46 -16.67 -20.80
N GLU B 132 -8.34 -16.73 -21.81
CA GLU B 132 -8.05 -17.17 -23.13
C GLU B 132 -6.96 -16.32 -23.79
N GLY B 133 -7.16 -15.04 -23.71
CA GLY B 133 -6.31 -14.11 -24.41
C GLY B 133 -4.97 -13.86 -23.74
N GLU B 134 -4.93 -13.84 -22.43
CA GLU B 134 -3.74 -13.58 -21.69
C GLU B 134 -2.90 -14.75 -21.27
N TYR B 135 -3.50 -15.92 -21.21
CA TYR B 135 -2.78 -17.13 -20.69
C TYR B 135 -2.83 -18.37 -21.55
N LEU B 136 -3.99 -18.72 -22.08
CA LEU B 136 -4.09 -20.00 -22.77
C LEU B 136 -3.31 -20.06 -24.07
N GLU B 137 -3.39 -18.99 -24.86
CA GLU B 137 -2.59 -18.92 -26.08
C GLU B 137 -1.09 -19.00 -25.81
N GLU B 138 -0.58 -18.22 -24.84
N GLU B 138 -0.54 -18.23 -24.86
CA GLU B 138 0.83 -18.26 -24.47
CA GLU B 138 0.91 -18.30 -24.56
C GLU B 138 1.23 -19.67 -24.04
C GLU B 138 1.31 -19.65 -23.93
N GLN B 139 0.39 -20.34 -23.25
CA GLN B 139 0.72 -21.66 -22.76
C GLN B 139 0.87 -22.67 -23.86
N VAL B 140 -0.03 -22.67 -24.85
CA VAL B 140 0.12 -23.64 -25.94
C VAL B 140 1.40 -23.37 -26.73
N GLU B 141 1.68 -22.08 -26.95
CA GLU B 141 2.96 -21.67 -27.58
C GLU B 141 4.19 -22.15 -26.83
N ALA B 142 4.20 -21.94 -25.51
CA ALA B 142 5.34 -22.36 -24.71
C ALA B 142 5.53 -23.89 -24.66
N ILE B 143 4.43 -24.63 -24.58
CA ILE B 143 4.46 -26.08 -24.55
C ILE B 143 5.01 -26.63 -25.88
N LYS B 144 4.60 -26.03 -27.01
CA LYS B 144 5.18 -26.42 -28.29
C LYS B 144 6.71 -26.12 -28.32
N ASP B 145 7.09 -24.91 -27.93
CA ASP B 145 8.48 -24.42 -27.92
C ASP B 145 9.41 -25.38 -27.14
N LEU B 146 8.98 -25.72 -25.95
N LEU B 146 8.97 -25.66 -25.94
CA LEU B 146 9.77 -26.61 -25.07
CA LEU B 146 9.59 -26.56 -25.03
C LEU B 146 9.82 -28.02 -25.59
C LEU B 146 9.80 -27.94 -25.61
N SER B 147 8.75 -28.46 -26.23
CA SER B 147 8.75 -29.78 -26.84
C SER B 147 9.76 -29.83 -28.00
N ASP B 148 9.83 -28.77 -28.80
CA ASP B 148 10.80 -28.66 -29.91
C ASP B 148 12.24 -28.70 -29.36
N ARG B 149 12.45 -27.98 -28.25
CA ARG B 149 13.72 -27.98 -27.57
C ARG B 149 14.13 -29.36 -27.01
N ILE B 150 13.17 -30.10 -26.44
CA ILE B 150 13.49 -31.51 -25.98
C ILE B 150 13.95 -32.37 -27.17
N THR B 151 13.21 -32.28 -28.29
CA THR B 151 13.55 -33.02 -29.45
C THR B 151 14.98 -32.70 -29.91
N ASN B 152 15.34 -31.42 -29.94
CA ASN B 152 16.66 -31.07 -30.43
C ASN B 152 17.78 -31.39 -29.45
N LEU B 153 17.49 -31.29 -28.17
CA LEU B 153 18.46 -31.70 -27.16
C LEU B 153 18.75 -33.19 -27.16
N ASN B 154 17.74 -34.00 -27.46
CA ASN B 154 17.99 -35.43 -27.71
C ASN B 154 18.72 -35.63 -29.00
N ARG B 155 18.34 -34.84 -29.99
CA ARG B 155 19.05 -34.91 -31.32
C ARG B 155 20.57 -34.65 -31.17
N VAL B 156 20.92 -33.57 -30.51
CA VAL B 156 22.34 -33.16 -30.55
C VAL B 156 23.18 -34.01 -29.58
N GLY B 157 22.57 -34.53 -28.53
CA GLY B 157 23.22 -35.43 -27.62
C GLY B 157 24.05 -34.64 -26.62
N LYS B 158 24.74 -35.33 -25.76
CA LYS B 158 25.51 -34.72 -24.70
C LYS B 158 26.85 -34.13 -25.12
N GLY B 159 27.44 -33.29 -24.30
CA GLY B 159 28.82 -32.85 -24.56
C GLY B 159 28.81 -31.69 -25.56
N LEU B 160 29.55 -31.82 -26.66
CA LEU B 160 29.53 -30.80 -27.68
C LEU B 160 28.08 -30.37 -28.16
N GLY B 161 27.17 -31.34 -28.31
CA GLY B 161 25.80 -31.06 -28.75
C GLY B 161 25.09 -30.06 -27.83
N GLU B 162 25.17 -30.33 -26.55
CA GLU B 162 24.60 -29.48 -25.52
C GLU B 162 25.24 -28.12 -25.53
N TRP B 163 26.56 -28.10 -25.65
CA TRP B 163 27.32 -26.80 -25.78
C TRP B 163 26.81 -25.99 -26.95
N HIS B 164 26.64 -26.65 -28.10
CA HIS B 164 26.14 -25.90 -29.32
C HIS B 164 24.71 -25.41 -29.23
N TYR B 165 23.86 -26.22 -28.61
CA TYR B 165 22.49 -25.90 -28.38
C TYR B 165 22.44 -24.70 -27.48
N ASP B 166 23.25 -24.74 -26.42
CA ASP B 166 23.29 -23.62 -25.46
C ASP B 166 23.71 -22.28 -26.14
N GLN B 167 24.69 -22.32 -27.02
CA GLN B 167 25.12 -21.10 -27.74
C GLN B 167 24.04 -20.57 -28.59
N LYS B 168 23.35 -21.47 -29.27
CA LYS B 168 22.16 -21.05 -30.03
C LYS B 168 21.05 -20.47 -29.20
N LEU B 169 20.82 -20.99 -28.01
CA LEU B 169 19.90 -20.32 -27.08
C LEU B 169 20.34 -18.87 -26.79
N LEU B 170 21.63 -18.68 -26.48
CA LEU B 170 22.16 -17.34 -26.18
C LEU B 170 22.00 -16.49 -27.40
N SER B 171 22.35 -17.01 -28.57
CA SER B 171 22.12 -16.23 -29.79
C SER B 171 20.63 -15.98 -29.93
N ALA C 2 -37.29 -11.57 -47.76
CA ALA C 2 -36.28 -12.66 -47.61
C ALA C 2 -35.25 -12.30 -46.54
N GLU C 3 -34.57 -13.33 -46.03
CA GLU C 3 -33.31 -13.14 -45.25
C GLU C 3 -32.39 -12.22 -46.05
N THR C 4 -31.55 -11.51 -45.35
CA THR C 4 -30.62 -10.64 -46.00
C THR C 4 -29.47 -11.54 -46.51
N MET C 5 -28.84 -11.10 -47.60
CA MET C 5 -27.75 -11.83 -48.28
C MET C 5 -26.58 -12.31 -47.32
N PRO C 6 -26.11 -11.49 -46.35
CA PRO C 6 -25.02 -11.93 -45.48
C PRO C 6 -25.43 -12.86 -44.33
N ARG C 7 -26.70 -12.83 -43.97
CA ARG C 7 -27.17 -13.35 -42.69
C ARG C 7 -26.88 -14.87 -42.56
N GLN C 8 -26.22 -15.21 -41.47
CA GLN C 8 -25.91 -16.61 -41.18
C GLN C 8 -25.62 -16.78 -39.71
N ASN C 9 -26.36 -17.70 -39.08
CA ASN C 9 -26.23 -17.98 -37.65
C ASN C 9 -26.49 -16.76 -36.72
N PHE C 10 -27.33 -15.87 -37.18
CA PHE C 10 -27.70 -14.61 -36.45
C PHE C 10 -29.20 -14.62 -36.14
N HIS C 11 -29.50 -14.91 -34.87
CA HIS C 11 -30.88 -15.18 -34.43
C HIS C 11 -31.66 -13.90 -34.31
N GLN C 12 -32.98 -13.95 -34.55
CA GLN C 12 -33.80 -12.76 -34.36
C GLN C 12 -33.75 -12.14 -32.96
N ASP C 13 -33.77 -13.00 -31.92
CA ASP C 13 -33.50 -12.73 -30.44
C ASP C 13 -32.22 -11.78 -30.31
N SER C 14 -31.12 -12.16 -30.93
CA SER C 14 -29.85 -11.40 -30.91
C SER C 14 -29.99 -10.03 -31.61
N GLU C 15 -30.60 -10.05 -32.80
CA GLU C 15 -30.86 -8.86 -33.57
C GLU C 15 -31.65 -7.85 -32.76
N ALA C 16 -32.75 -8.33 -32.16
CA ALA C 16 -33.60 -7.45 -31.36
C ALA C 16 -32.84 -6.92 -30.15
N GLY C 17 -32.08 -7.79 -29.49
CA GLY C 17 -31.32 -7.39 -28.32
C GLY C 17 -30.20 -6.39 -28.64
N ILE C 18 -29.58 -6.50 -29.83
CA ILE C 18 -28.59 -5.46 -30.20
C ILE C 18 -29.27 -4.15 -30.45
N ASN C 19 -30.47 -4.16 -31.02
CA ASN C 19 -31.20 -2.86 -31.15
C ASN C 19 -31.49 -2.24 -29.78
N LYS C 20 -31.90 -3.06 -28.82
N LYS C 20 -31.89 -3.05 -28.78
CA LYS C 20 -32.13 -2.61 -27.43
CA LYS C 20 -32.12 -2.48 -27.43
C LYS C 20 -30.83 -2.02 -26.83
C LYS C 20 -30.80 -1.98 -26.81
N GLN C 21 -29.73 -2.72 -27.01
CA GLN C 21 -28.40 -2.26 -26.53
C GLN C 21 -27.95 -0.92 -27.17
N ILE C 22 -28.20 -0.76 -28.45
CA ILE C 22 -27.86 0.51 -29.16
C ILE C 22 -28.58 1.68 -28.46
N ASN C 23 -29.88 1.54 -28.18
CA ASN C 23 -30.62 2.59 -27.52
C ASN C 23 -30.05 2.93 -26.15
N MET C 24 -29.72 1.90 -25.43
CA MET C 24 -29.17 2.04 -24.13
C MET C 24 -27.83 2.80 -24.13
N GLU C 25 -26.93 2.43 -25.02
CA GLU C 25 -25.67 3.15 -25.20
C GLU C 25 -25.91 4.60 -25.60
N LEU C 26 -26.90 4.85 -26.47
CA LEU C 26 -27.26 6.26 -26.79
C LEU C 26 -27.77 7.02 -25.57
N TYR C 27 -28.58 6.36 -24.76
CA TYR C 27 -29.10 6.91 -23.52
C TYR C 27 -27.95 7.25 -22.59
N ALA C 28 -27.02 6.33 -22.40
CA ALA C 28 -25.87 6.60 -21.56
C ALA C 28 -25.07 7.80 -22.09
N SER C 29 -24.90 7.88 -23.41
CA SER C 29 -24.19 9.02 -24.01
C SER C 29 -24.88 10.34 -23.60
N TYR C 30 -26.23 10.32 -23.62
CA TYR C 30 -27.01 11.57 -23.36
C TYR C 30 -26.95 11.94 -21.90
N VAL C 31 -26.96 10.93 -21.00
CA VAL C 31 -26.68 11.16 -19.57
C VAL C 31 -25.33 11.85 -19.37
N TYR C 32 -24.28 11.32 -19.99
CA TYR C 32 -22.94 11.91 -19.81
C TYR C 32 -22.82 13.31 -20.44
N GLN C 33 -23.53 13.52 -21.54
CA GLN C 33 -23.58 14.83 -22.14
C GLN C 33 -24.21 15.84 -21.15
N SER C 34 -25.35 15.46 -20.55
CA SER C 34 -26.00 16.31 -19.56
C SER C 34 -25.04 16.66 -18.43
N MET C 35 -24.40 15.64 -17.89
CA MET C 35 -23.43 15.81 -16.78
C MET C 35 -22.29 16.71 -17.20
N SER C 36 -21.77 16.48 -18.39
CA SER C 36 -20.65 17.27 -18.90
C SER C 36 -21.00 18.77 -18.97
N PHE C 37 -22.15 19.08 -19.51
CA PHE C 37 -22.55 20.46 -19.65
C PHE C 37 -22.95 21.09 -18.28
N TYR C 38 -23.56 20.31 -17.39
CA TYR C 38 -23.85 20.77 -16.00
C TYR C 38 -22.53 21.27 -15.29
N PHE C 39 -21.45 20.50 -15.49
CA PHE C 39 -20.16 20.84 -14.90
C PHE C 39 -19.54 22.14 -15.42
N ASP C 40 -19.99 22.67 -16.55
CA ASP C 40 -19.59 23.96 -17.04
C ASP C 40 -20.55 25.10 -16.72
N ARG C 41 -21.61 24.86 -15.97
CA ARG C 41 -22.42 25.98 -15.44
C ARG C 41 -21.52 26.93 -14.62
N ASP C 42 -21.86 28.21 -14.60
CA ASP C 42 -21.06 29.19 -13.90
C ASP C 42 -21.01 28.97 -12.39
N ASP C 43 -22.05 28.37 -11.89
CA ASP C 43 -22.24 28.09 -10.49
C ASP C 43 -21.78 26.66 -10.09
N VAL C 44 -21.14 25.94 -10.99
CA VAL C 44 -20.60 24.58 -10.75
C VAL C 44 -19.11 24.67 -11.09
N ALA C 45 -18.80 24.94 -12.36
CA ALA C 45 -17.47 25.38 -12.85
C ALA C 45 -16.29 24.45 -12.46
N LEU C 46 -16.41 23.18 -12.85
CA LEU C 46 -15.39 22.20 -12.67
C LEU C 46 -15.06 21.67 -14.06
N LYS C 47 -14.09 22.27 -14.68
CA LYS C 47 -13.76 21.88 -16.03
C LYS C 47 -13.15 20.47 -16.22
N GLY C 48 -12.46 19.96 -15.22
CA GLY C 48 -12.04 18.59 -15.29
C GLY C 48 -13.18 17.59 -15.37
N PHE C 49 -14.16 17.70 -14.44
CA PHE C 49 -15.39 16.95 -14.56
C PHE C 49 -16.07 17.18 -15.92
N ALA C 50 -16.15 18.44 -16.43
CA ALA C 50 -16.72 18.68 -17.75
C ALA C 50 -16.04 17.80 -18.82
N LYS C 51 -14.72 17.86 -18.86
N LYS C 51 -14.72 17.85 -18.86
CA LYS C 51 -13.91 17.06 -19.79
CA LYS C 51 -13.94 17.08 -19.81
C LYS C 51 -14.10 15.56 -19.67
C LYS C 51 -14.07 15.56 -19.68
N PHE C 52 -14.06 15.09 -18.43
CA PHE C 52 -14.18 13.68 -18.12
C PHE C 52 -15.52 13.11 -18.64
N PHE C 53 -16.59 13.83 -18.35
CA PHE C 53 -17.91 13.42 -18.84
C PHE C 53 -18.18 13.66 -20.32
N LYS C 54 -17.55 14.68 -20.90
CA LYS C 54 -17.59 14.84 -22.39
C LYS C 54 -16.94 13.64 -23.07
N GLU C 55 -15.78 13.20 -22.60
CA GLU C 55 -15.14 11.98 -23.11
C GLU C 55 -16.01 10.75 -22.89
N SER C 56 -16.58 10.58 -21.72
CA SER C 56 -17.47 9.46 -21.55
C SER C 56 -18.69 9.46 -22.47
N SER C 57 -19.29 10.63 -22.74
CA SER C 57 -20.38 10.75 -23.64
C SER C 57 -19.94 10.32 -25.03
N ASP C 58 -18.75 10.77 -25.45
CA ASP C 58 -18.25 10.42 -26.76
C ASP C 58 -18.04 8.87 -26.87
N GLU C 59 -17.48 8.28 -25.85
CA GLU C 59 -17.26 6.82 -25.84
C GLU C 59 -18.54 6.04 -25.91
N GLU C 60 -19.54 6.47 -25.16
CA GLU C 60 -20.84 5.74 -25.23
C GLU C 60 -21.47 5.82 -26.59
N ARG C 61 -21.47 7.00 -27.18
CA ARG C 61 -21.92 7.10 -28.53
C ARG C 61 -21.15 6.23 -29.52
N GLU C 62 -19.82 6.17 -29.38
CA GLU C 62 -19.02 5.28 -30.20
C GLU C 62 -19.42 3.78 -30.01
N HIS C 63 -19.65 3.37 -28.78
N HIS C 63 -19.73 3.39 -28.78
CA HIS C 63 -20.19 2.02 -28.52
CA HIS C 63 -20.19 2.03 -28.49
C HIS C 63 -21.48 1.81 -29.31
C HIS C 63 -21.57 1.73 -29.10
N ALA C 64 -22.41 2.76 -29.23
CA ALA C 64 -23.70 2.65 -30.00
C ALA C 64 -23.46 2.44 -31.48
N GLU C 65 -22.55 3.21 -32.02
CA GLU C 65 -22.22 3.17 -33.46
C GLU C 65 -21.54 1.89 -33.84
N LYS C 66 -20.68 1.40 -32.97
CA LYS C 66 -20.10 0.11 -33.22
C LYS C 66 -21.16 -1.02 -33.28
N LEU C 67 -22.13 -0.99 -32.39
CA LEU C 67 -23.26 -1.92 -32.42
C LEU C 67 -24.09 -1.78 -33.70
N MET C 68 -24.31 -0.52 -34.12
CA MET C 68 -25.06 -0.22 -35.36
C MET C 68 -24.38 -0.90 -36.54
N LYS C 69 -23.06 -0.70 -36.69
CA LYS C 69 -22.29 -1.36 -37.75
C LYS C 69 -22.34 -2.88 -37.62
N TYR C 70 -22.26 -3.42 -36.38
CA TYR C 70 -22.30 -4.89 -36.19
C TYR C 70 -23.61 -5.46 -36.71
N GLN C 71 -24.71 -4.79 -36.37
CA GLN C 71 -26.04 -5.19 -36.82
C GLN C 71 -26.05 -5.36 -38.33
N ASN C 72 -25.62 -4.31 -39.02
CA ASN C 72 -25.51 -4.26 -40.48
C ASN C 72 -24.60 -5.33 -41.04
N LYS C 73 -23.46 -5.53 -40.40
N LYS C 73 -23.45 -5.48 -40.38
CA LYS C 73 -22.51 -6.52 -40.87
CA LYS C 73 -22.45 -6.44 -40.81
C LYS C 73 -23.07 -7.96 -40.84
C LYS C 73 -22.92 -7.92 -40.75
N ARG C 74 -23.78 -8.27 -39.78
CA ARG C 74 -24.39 -9.59 -39.66
C ARG C 74 -25.67 -9.78 -40.48
N GLY C 75 -26.13 -8.67 -41.06
CA GLY C 75 -27.31 -8.67 -41.89
C GLY C 75 -28.63 -8.46 -41.17
N GLY C 76 -28.57 -7.97 -39.92
CA GLY C 76 -29.78 -7.51 -39.22
C GLY C 76 -30.10 -6.08 -39.57
N ARG C 77 -31.18 -5.56 -39.02
CA ARG C 77 -31.63 -4.28 -39.43
C ARG C 77 -31.73 -3.40 -38.20
N ILE C 78 -31.10 -2.26 -38.27
CA ILE C 78 -31.07 -1.27 -37.24
C ILE C 78 -32.48 -0.71 -37.10
N VAL C 79 -32.97 -0.71 -35.88
CA VAL C 79 -34.25 -0.09 -35.52
C VAL C 79 -34.02 0.85 -34.31
N LEU C 80 -34.22 2.13 -34.54
CA LEU C 80 -33.92 3.19 -33.58
C LEU C 80 -35.21 3.59 -32.84
N GLN C 81 -35.08 3.92 -31.54
CA GLN C 81 -36.15 4.38 -30.66
C GLN C 81 -35.80 5.73 -30.08
N PRO C 82 -36.75 6.48 -29.53
CA PRO C 82 -36.35 7.69 -28.85
C PRO C 82 -35.26 7.49 -27.82
N ILE C 83 -34.43 8.49 -27.72
CA ILE C 83 -33.40 8.51 -26.73
C ILE C 83 -34.01 9.33 -25.60
N SER C 84 -34.39 8.64 -24.56
CA SER C 84 -35.02 9.29 -23.43
C SER C 84 -34.11 10.29 -22.71
N LYS C 85 -34.66 11.39 -22.26
CA LYS C 85 -33.90 12.37 -21.50
C LYS C 85 -33.44 11.79 -20.17
N PRO C 86 -32.33 12.26 -19.64
CA PRO C 86 -31.87 11.76 -18.36
C PRO C 86 -32.86 12.00 -17.22
N ASP C 87 -32.69 11.25 -16.14
N ASP C 87 -32.75 11.26 -16.12
CA ASP C 87 -33.52 11.35 -14.94
CA ASP C 87 -33.71 11.39 -15.01
C ASP C 87 -33.55 12.79 -14.36
C ASP C 87 -33.42 12.66 -14.11
N ARG C 88 -32.40 13.45 -14.37
N ARG C 88 -32.26 13.32 -14.31
CA ARG C 88 -32.28 14.74 -13.75
CA ARG C 88 -31.92 14.57 -13.65
C ARG C 88 -31.68 15.74 -14.68
C ARG C 88 -31.62 15.72 -14.66
N ASP C 89 -31.83 16.99 -14.26
CA ASP C 89 -31.30 18.14 -15.02
C ASP C 89 -29.97 18.58 -14.42
N GLU C 90 -29.73 18.23 -13.15
CA GLU C 90 -28.58 18.71 -12.36
C GLU C 90 -28.05 17.53 -11.64
N TRP C 91 -26.74 17.50 -11.38
CA TRP C 91 -26.09 16.23 -10.99
C TRP C 91 -25.24 16.31 -9.70
N GLY C 92 -25.37 17.40 -8.95
CA GLY C 92 -24.77 17.51 -7.60
C GLY C 92 -23.30 17.78 -7.62
N SER C 93 -22.59 17.22 -6.65
N SER C 93 -22.60 17.16 -6.69
CA SER C 93 -21.16 17.42 -6.53
CA SER C 93 -21.18 17.33 -6.56
C SER C 93 -20.45 16.41 -7.41
C SER C 93 -20.46 16.44 -7.54
N GLY C 94 -19.15 16.59 -7.61
CA GLY C 94 -18.36 15.69 -8.46
C GLY C 94 -18.48 14.25 -7.95
N LEU C 95 -18.44 14.07 -6.62
CA LEU C 95 -18.66 12.75 -6.01
C LEU C 95 -20.01 12.14 -6.40
N ASP C 96 -21.08 12.94 -6.28
CA ASP C 96 -22.44 12.58 -6.58
C ASP C 96 -22.47 12.10 -8.01
N ALA C 97 -21.93 12.91 -8.87
CA ALA C 97 -21.94 12.58 -10.36
C ALA C 97 -21.15 11.27 -10.67
N MET C 98 -20.01 11.05 -9.99
CA MET C 98 -19.30 9.81 -10.16
C MET C 98 -20.11 8.59 -9.69
N LYS C 99 -20.80 8.73 -8.55
N LYS C 99 -20.78 8.71 -8.55
CA LYS C 99 -21.66 7.67 -8.03
CA LYS C 99 -21.60 7.62 -8.02
C LYS C 99 -22.74 7.33 -9.05
C LYS C 99 -22.77 7.34 -8.99
N ALA C 100 -23.35 8.40 -9.59
CA ALA C 100 -24.31 8.27 -10.64
C ALA C 100 -23.71 7.56 -11.90
N ALA C 101 -22.52 7.93 -12.30
CA ALA C 101 -21.87 7.27 -13.40
C ALA C 101 -21.64 5.77 -13.11
N LEU C 102 -21.22 5.41 -11.89
CA LEU C 102 -20.99 3.99 -11.58
C LEU C 102 -22.25 3.17 -11.73
N ASN C 103 -23.36 3.67 -11.19
N ASN C 103 -23.36 3.66 -11.18
CA ASN C 103 -24.64 3.01 -11.31
CA ASN C 103 -24.63 2.94 -11.32
C ASN C 103 -25.07 2.82 -12.77
C ASN C 103 -25.04 2.80 -12.79
N LEU C 104 -24.90 3.87 -13.58
CA LEU C 104 -25.16 3.80 -15.04
C LEU C 104 -24.30 2.69 -15.72
N GLU C 105 -23.01 2.68 -15.45
CA GLU C 105 -22.09 1.72 -16.09
C GLU C 105 -22.36 0.28 -15.64
N LYS C 106 -22.75 0.08 -14.40
CA LYS C 106 -23.17 -1.25 -13.97
C LYS C 106 -24.46 -1.72 -14.65
N SER C 107 -25.38 -0.78 -14.88
CA SER C 107 -26.62 -1.07 -15.62
C SER C 107 -26.27 -1.46 -17.09
N VAL C 108 -25.38 -0.65 -17.68
CA VAL C 108 -24.85 -0.96 -19.00
C VAL C 108 -24.12 -2.30 -19.07
N ASN C 109 -23.27 -2.58 -18.11
CA ASN C 109 -22.61 -3.87 -18.07
C ASN C 109 -23.58 -5.05 -17.98
N GLN C 110 -24.54 -4.97 -17.09
CA GLN C 110 -25.48 -6.08 -16.93
C GLN C 110 -26.21 -6.33 -18.29
N SER C 111 -26.66 -5.25 -18.95
CA SER C 111 -27.24 -5.38 -20.32
C SER C 111 -26.25 -6.09 -21.31
N LEU C 112 -24.97 -5.72 -21.27
CA LEU C 112 -24.01 -6.36 -22.15
C LEU C 112 -23.81 -7.86 -21.80
N LEU C 113 -23.79 -8.16 -20.52
CA LEU C 113 -23.67 -9.57 -20.06
C LEU C 113 -24.96 -10.38 -20.48
N GLU C 114 -26.09 -9.74 -20.48
CA GLU C 114 -27.32 -10.29 -20.96
C GLU C 114 -27.21 -10.53 -22.43
N LEU C 115 -26.67 -9.54 -23.11
CA LEU C 115 -26.47 -9.65 -24.54
C LEU C 115 -25.58 -10.85 -24.89
N HIS C 116 -24.54 -11.03 -24.11
CA HIS C 116 -23.68 -12.17 -24.27
C HIS C 116 -24.41 -13.50 -24.08
N LYS C 117 -25.24 -13.57 -23.04
CA LYS C 117 -26.02 -14.74 -22.77
C LYS C 117 -26.95 -15.07 -23.93
N VAL C 118 -27.56 -14.05 -24.51
CA VAL C 118 -28.38 -14.24 -25.71
C VAL C 118 -27.59 -14.88 -26.88
N ALA C 119 -26.37 -14.39 -27.09
CA ALA C 119 -25.47 -14.93 -28.10
C ALA C 119 -25.10 -16.41 -27.75
N ASP C 120 -24.88 -16.68 -26.49
CA ASP C 120 -24.58 -18.01 -25.95
C ASP C 120 -25.77 -18.91 -26.24
N SER C 121 -26.93 -18.43 -25.84
CA SER C 121 -28.22 -19.13 -26.08
C SER C 121 -28.43 -19.60 -27.51
N HIS C 122 -28.00 -18.80 -28.48
CA HIS C 122 -28.15 -19.19 -29.87
C HIS C 122 -26.88 -19.68 -30.49
N GLY C 123 -25.90 -19.97 -29.68
CA GLY C 123 -24.66 -20.56 -30.20
C GLY C 123 -24.01 -19.66 -31.22
N ASP C 124 -24.03 -18.36 -30.92
CA ASP C 124 -23.49 -17.39 -31.84
C ASP C 124 -22.07 -17.07 -31.37
N ALA C 125 -21.10 -17.87 -31.81
CA ALA C 125 -19.74 -17.77 -31.33
C ALA C 125 -19.09 -16.44 -31.75
N GLN C 126 -19.39 -15.98 -32.95
CA GLN C 126 -18.81 -14.70 -33.44
C GLN C 126 -19.31 -13.49 -32.62
N MET C 127 -20.59 -13.48 -32.33
CA MET C 127 -21.19 -12.42 -31.51
C MET C 127 -20.63 -12.40 -30.10
N CYS C 128 -20.44 -13.58 -29.51
CA CYS C 128 -19.84 -13.66 -28.14
C CYS C 128 -18.46 -13.01 -28.08
N ASP C 129 -17.66 -13.36 -29.08
CA ASP C 129 -16.33 -12.80 -29.22
C ASP C 129 -16.41 -11.28 -29.43
N PHE C 130 -17.27 -10.86 -30.36
CA PHE C 130 -17.46 -9.45 -30.62
C PHE C 130 -17.77 -8.67 -29.29
N LEU C 131 -18.66 -9.20 -28.48
N LEU C 131 -18.71 -9.19 -28.53
CA LEU C 131 -19.04 -8.54 -27.29
CA LEU C 131 -19.07 -8.57 -27.31
C LEU C 131 -17.97 -8.58 -26.23
C LEU C 131 -17.95 -8.58 -26.28
N GLU C 132 -17.25 -9.70 -26.13
CA GLU C 132 -16.13 -9.84 -25.18
C GLU C 132 -15.02 -8.85 -25.48
N GLY C 133 -14.65 -8.79 -26.72
CA GLY C 133 -13.52 -7.95 -27.12
C GLY C 133 -13.81 -6.48 -27.22
N GLU C 134 -15.01 -6.13 -27.64
CA GLU C 134 -15.33 -4.71 -27.81
C GLU C 134 -15.93 -4.01 -26.61
N TYR C 135 -16.65 -4.76 -25.79
CA TYR C 135 -17.46 -4.16 -24.73
C TYR C 135 -17.11 -4.62 -23.35
N LEU C 136 -16.99 -5.94 -23.14
CA LEU C 136 -16.89 -6.47 -21.75
C LEU C 136 -15.62 -6.06 -21.03
N GLU C 137 -14.51 -6.10 -21.75
CA GLU C 137 -13.20 -5.72 -21.20
C GLU C 137 -13.18 -4.23 -20.79
N GLU C 138 -13.55 -3.37 -21.72
N GLU C 138 -13.55 -3.34 -21.71
CA GLU C 138 -13.72 -1.91 -21.47
CA GLU C 138 -13.63 -1.89 -21.41
C GLU C 138 -14.57 -1.62 -20.25
C GLU C 138 -14.61 -1.56 -20.26
N GLN C 139 -15.73 -2.28 -20.18
CA GLN C 139 -16.67 -2.08 -19.05
C GLN C 139 -16.09 -2.39 -17.68
N VAL C 140 -15.39 -3.52 -17.57
N VAL C 140 -15.35 -3.50 -17.51
CA VAL C 140 -14.72 -3.86 -16.31
CA VAL C 140 -14.75 -3.76 -16.16
C VAL C 140 -13.72 -2.75 -15.94
C VAL C 140 -13.58 -2.83 -15.89
N GLU C 141 -12.97 -2.30 -16.95
CA GLU C 141 -11.94 -1.24 -16.76
C GLU C 141 -12.60 0.05 -16.31
N ALA C 142 -13.71 0.41 -16.98
CA ALA C 142 -14.39 1.66 -16.66
C ALA C 142 -14.96 1.58 -15.25
N ILE C 143 -15.53 0.44 -14.89
CA ILE C 143 -16.09 0.27 -13.54
C ILE C 143 -15.06 0.41 -12.43
N LYS C 144 -13.90 -0.20 -12.67
CA LYS C 144 -12.84 -0.08 -11.73
C LYS C 144 -12.32 1.37 -11.60
N ASP C 145 -12.16 2.02 -12.73
CA ASP C 145 -11.73 3.42 -12.83
C ASP C 145 -12.64 4.35 -12.01
N LEU C 146 -13.93 4.27 -12.25
N LEU C 146 -13.91 4.26 -12.26
CA LEU C 146 -14.92 5.08 -11.58
CA LEU C 146 -14.89 5.07 -11.61
C LEU C 146 -14.90 4.81 -10.09
C LEU C 146 -14.91 4.80 -10.10
N SER C 147 -14.86 3.54 -9.75
CA SER C 147 -14.71 3.15 -8.35
C SER C 147 -13.51 3.78 -7.66
N ASP C 148 -12.33 3.76 -8.33
CA ASP C 148 -11.16 4.40 -7.82
C ASP C 148 -11.45 5.93 -7.59
N ARG C 149 -12.13 6.55 -8.56
CA ARG C 149 -12.47 7.98 -8.46
C ARG C 149 -13.37 8.28 -7.29
N ILE C 150 -14.35 7.43 -7.04
CA ILE C 150 -15.24 7.63 -5.89
C ILE C 150 -14.44 7.59 -4.57
N THR C 151 -13.61 6.57 -4.39
CA THR C 151 -12.75 6.47 -3.19
C THR C 151 -11.95 7.75 -3.00
N ASN C 152 -11.35 8.24 -4.07
CA ASN C 152 -10.57 9.49 -4.00
C ASN C 152 -11.37 10.73 -3.73
N LEU C 153 -12.57 10.81 -4.28
CA LEU C 153 -13.44 11.98 -4.06
C LEU C 153 -13.91 12.00 -2.61
N ASN C 154 -14.09 10.82 -2.00
CA ASN C 154 -14.38 10.77 -0.59
C ASN C 154 -13.14 11.11 0.23
N ARG C 155 -11.98 10.60 -0.16
CA ARG C 155 -10.69 10.91 0.50
C ARG C 155 -10.42 12.44 0.56
N VAL C 156 -10.62 13.13 -0.56
CA VAL C 156 -10.21 14.56 -0.61
C VAL C 156 -11.24 15.51 0.05
N GLY C 157 -12.52 15.10 0.07
CA GLY C 157 -13.59 15.82 0.68
C GLY C 157 -14.10 16.99 -0.19
N LYS C 158 -15.04 17.75 0.28
CA LYS C 158 -15.53 18.86 -0.51
C LYS C 158 -14.65 20.09 -0.44
N GLY C 159 -14.95 21.02 -1.31
CA GLY C 159 -14.23 22.30 -1.30
C GLY C 159 -12.92 22.20 -2.04
N LEU C 160 -11.81 22.50 -1.37
CA LEU C 160 -10.50 22.47 -1.99
C LEU C 160 -10.18 21.09 -2.50
N GLY C 161 -10.60 20.05 -1.77
CA GLY C 161 -10.36 18.66 -2.25
C GLY C 161 -10.97 18.40 -3.63
N GLU C 162 -12.24 18.77 -3.81
CA GLU C 162 -12.89 18.57 -5.10
C GLU C 162 -12.23 19.37 -6.18
N TRP C 163 -11.82 20.55 -5.79
CA TRP C 163 -11.11 21.45 -6.67
C TRP C 163 -9.83 20.81 -7.16
N HIS C 164 -9.04 20.31 -6.24
CA HIS C 164 -7.72 19.72 -6.63
C HIS C 164 -7.92 18.42 -7.48
N TYR C 165 -8.93 17.65 -7.13
CA TYR C 165 -9.26 16.45 -7.84
C TYR C 165 -9.61 16.83 -9.27
N ASP C 166 -10.45 17.85 -9.42
CA ASP C 166 -10.82 18.38 -10.75
C ASP C 166 -9.61 18.83 -11.62
N GLN C 167 -8.70 19.58 -11.01
CA GLN C 167 -7.46 19.95 -11.71
C GLN C 167 -6.68 18.77 -12.17
N LYS C 168 -6.55 17.74 -11.33
CA LYS C 168 -5.89 16.50 -11.78
C LYS C 168 -6.66 15.76 -12.90
N LEU C 169 -7.98 15.81 -12.87
CA LEU C 169 -8.71 15.32 -14.03
C LEU C 169 -8.35 16.02 -15.33
N LEU C 170 -8.33 17.35 -15.32
CA LEU C 170 -8.02 18.16 -16.50
C LEU C 170 -6.66 17.82 -16.96
N SER C 171 -5.72 17.68 -16.03
CA SER C 171 -4.34 17.41 -16.46
C SER C 171 -4.17 15.94 -16.84
N ALA D 2 21.29 30.08 51.33
CA ALA D 2 22.00 29.38 52.44
C ALA D 2 22.62 28.00 52.02
N GLU D 3 23.60 27.55 52.79
CA GLU D 3 23.88 26.14 52.90
C GLU D 3 22.69 25.48 53.53
N THR D 4 22.45 24.27 53.12
CA THR D 4 21.44 23.48 53.79
C THR D 4 21.78 23.23 55.30
N MET D 5 20.74 23.03 56.09
CA MET D 5 20.83 22.84 57.52
C MET D 5 21.88 21.81 57.98
N PRO D 6 21.91 20.60 57.41
CA PRO D 6 22.88 19.62 57.89
C PRO D 6 24.32 19.81 57.41
N ARG D 7 24.53 20.61 56.38
CA ARG D 7 25.78 20.57 55.66
C ARG D 7 26.96 20.97 56.56
N GLN D 8 27.98 20.13 56.61
CA GLN D 8 29.18 20.40 57.38
C GLN D 8 30.34 19.58 56.81
N ASN D 9 31.38 20.26 56.32
CA ASN D 9 32.57 19.63 55.74
C ASN D 9 32.25 18.83 54.46
N PHE D 10 31.24 19.28 53.72
CA PHE D 10 30.83 18.57 52.51
C PHE D 10 31.04 19.50 51.33
N HIS D 11 32.03 19.19 50.51
CA HIS D 11 32.45 20.12 49.42
C HIS D 11 31.54 20.01 48.21
N GLN D 12 31.34 21.13 47.50
CA GLN D 12 30.55 21.13 46.26
C GLN D 12 31.03 20.09 45.23
N ASP D 13 32.35 19.95 45.12
CA ASP D 13 33.08 19.03 44.24
C ASP D 13 32.62 17.58 44.57
N SER D 14 32.55 17.28 45.85
CA SER D 14 32.14 15.96 46.35
C SER D 14 30.66 15.72 46.03
N GLU D 15 29.81 16.70 46.36
CA GLU D 15 28.42 16.67 46.01
C GLU D 15 28.21 16.34 44.50
N ALA D 16 28.95 17.07 43.63
CA ALA D 16 28.82 16.89 42.18
C ALA D 16 29.28 15.48 41.81
N GLY D 17 30.39 15.01 42.34
CA GLY D 17 30.80 13.65 41.96
C GLY D 17 29.92 12.51 42.48
N ILE D 18 29.27 12.72 43.62
CA ILE D 18 28.22 11.82 44.08
C ILE D 18 27.08 11.72 43.09
N ASN D 19 26.64 12.86 42.56
CA ASN D 19 25.64 12.82 41.49
C ASN D 19 26.12 12.04 40.27
N LYS D 20 27.35 12.28 39.82
CA LYS D 20 27.84 11.47 38.68
C LYS D 20 27.93 9.97 39.01
N GLN D 21 28.35 9.63 40.22
CA GLN D 21 28.38 8.20 40.62
C GLN D 21 27.00 7.59 40.67
N ILE D 22 26.00 8.31 41.16
CA ILE D 22 24.62 7.83 41.07
C ILE D 22 24.21 7.43 39.66
N ASN D 23 24.46 8.31 38.69
CA ASN D 23 24.05 7.98 37.34
C ASN D 23 24.80 6.72 36.82
N MET D 24 26.10 6.64 37.10
CA MET D 24 26.88 5.51 36.69
C MET D 24 26.41 4.16 37.30
N GLU D 25 25.98 4.15 38.58
CA GLU D 25 25.46 2.95 39.23
C GLU D 25 24.12 2.58 38.61
N LEU D 26 23.32 3.58 38.26
CA LEU D 26 22.06 3.33 37.58
C LEU D 26 22.29 2.76 36.15
N TYR D 27 23.28 3.31 35.47
CA TYR D 27 23.65 2.84 34.15
C TYR D 27 24.11 1.38 34.27
N ALA D 28 24.98 1.06 35.23
CA ALA D 28 25.38 -0.32 35.40
C ALA D 28 24.20 -1.26 35.67
N SER D 29 23.25 -0.78 36.45
CA SER D 29 22.04 -1.52 36.70
C SER D 29 21.31 -1.83 35.40
N TYR D 30 21.22 -0.83 34.53
CA TYR D 30 20.54 -1.03 33.24
C TYR D 30 21.21 -2.02 32.32
N VAL D 31 22.55 -1.97 32.30
CA VAL D 31 23.33 -2.85 31.47
C VAL D 31 23.05 -4.27 31.97
N TYR D 32 23.11 -4.47 33.29
CA TYR D 32 22.86 -5.85 33.82
C TYR D 32 21.42 -6.31 33.60
N GLN D 33 20.48 -5.37 33.65
N GLN D 33 20.48 -5.38 33.64
CA GLN D 33 19.10 -5.71 33.33
CA GLN D 33 19.10 -5.73 33.35
C GLN D 33 18.99 -6.27 31.89
C GLN D 33 18.91 -6.20 31.88
N SER D 34 19.63 -5.55 30.96
CA SER D 34 19.66 -5.94 29.58
C SER D 34 20.26 -7.32 29.42
N MET D 35 21.39 -7.54 30.04
CA MET D 35 21.98 -8.88 30.01
C MET D 35 21.08 -9.92 30.58
N SER D 36 20.53 -9.67 31.77
CA SER D 36 19.65 -10.63 32.39
C SER D 36 18.53 -11.05 31.44
N PHE D 37 17.87 -10.10 30.80
CA PHE D 37 16.78 -10.42 29.91
C PHE D 37 17.21 -11.13 28.61
N TYR D 38 18.32 -10.71 28.06
CA TYR D 38 18.89 -11.38 26.91
C TYR D 38 19.07 -12.95 27.18
N PHE D 39 19.54 -13.29 28.38
CA PHE D 39 19.75 -14.71 28.71
C PHE D 39 18.46 -15.52 28.88
N ASP D 40 17.30 -14.86 28.94
CA ASP D 40 16.02 -15.56 28.91
C ASP D 40 15.31 -15.59 27.53
N ARG D 41 15.97 -15.06 26.51
CA ARG D 41 15.52 -15.22 25.13
C ARG D 41 15.42 -16.70 24.81
N ASP D 42 14.42 -17.07 24.01
CA ASP D 42 14.26 -18.52 23.66
C ASP D 42 15.45 -19.10 22.96
N ASP D 43 16.17 -18.27 22.24
CA ASP D 43 17.33 -18.72 21.48
C ASP D 43 18.65 -18.56 22.23
N VAL D 44 18.57 -18.24 23.51
CA VAL D 44 19.73 -18.14 24.36
C VAL D 44 19.54 -19.10 25.50
N ALA D 45 18.53 -18.83 26.31
CA ALA D 45 17.95 -19.76 27.27
C ALA D 45 18.94 -20.36 28.30
N LEU D 46 19.52 -19.44 29.05
CA LEU D 46 20.47 -19.77 30.09
C LEU D 46 19.98 -19.15 31.38
N LYS D 47 19.14 -19.90 32.08
CA LYS D 47 18.52 -19.38 33.29
C LYS D 47 19.47 -18.99 34.40
N GLY D 48 20.57 -19.71 34.52
CA GLY D 48 21.58 -19.33 35.53
C GLY D 48 22.19 -17.96 35.31
N PHE D 49 22.62 -17.70 34.07
CA PHE D 49 23.06 -16.40 33.63
C PHE D 49 21.97 -15.32 33.79
N ALA D 50 20.72 -15.66 33.45
CA ALA D 50 19.60 -14.80 33.72
C ALA D 50 19.52 -14.35 35.16
N LYS D 51 19.50 -15.32 36.07
CA LYS D 51 19.45 -15.03 37.49
C LYS D 51 20.66 -14.27 38.06
N PHE D 52 21.84 -14.69 37.63
CA PHE D 52 23.04 -14.02 38.04
C PHE D 52 23.05 -12.51 37.72
N PHE D 53 22.72 -12.19 36.47
CA PHE D 53 22.66 -10.76 36.06
C PHE D 53 21.49 -10.01 36.63
N LYS D 54 20.39 -10.71 36.89
CA LYS D 54 19.26 -10.07 37.58
C LYS D 54 19.70 -9.63 38.98
N GLU D 55 20.41 -10.48 39.71
CA GLU D 55 20.93 -10.08 41.04
C GLU D 55 21.89 -8.90 40.91
N SER D 56 22.78 -8.95 39.91
CA SER D 56 23.72 -7.88 39.69
C SER D 56 23.00 -6.52 39.41
N SER D 57 21.94 -6.56 38.59
CA SER D 57 21.15 -5.38 38.32
C SER D 57 20.55 -4.79 39.58
N ASP D 58 20.00 -5.65 40.41
CA ASP D 58 19.46 -5.18 41.68
C ASP D 58 20.50 -4.59 42.59
N GLU D 59 21.66 -5.22 42.71
CA GLU D 59 22.74 -4.69 43.56
C GLU D 59 23.21 -3.32 43.06
N GLU D 60 23.39 -3.15 41.75
CA GLU D 60 23.78 -1.83 41.23
C GLU D 60 22.75 -0.77 41.52
N ARG D 61 21.48 -1.10 41.36
CA ARG D 61 20.41 -0.17 41.74
C ARG D 61 20.42 0.19 43.23
N GLU D 62 20.68 -0.80 44.10
CA GLU D 62 20.76 -0.53 45.53
C GLU D 62 21.97 0.34 45.90
N HIS D 63 23.08 0.15 45.16
N HIS D 63 23.05 0.18 45.16
CA HIS D 63 24.25 1.10 45.26
CA HIS D 63 24.18 1.06 45.41
C HIS D 63 23.81 2.53 44.98
C HIS D 63 23.96 2.51 44.90
N ALA D 64 23.15 2.69 43.83
CA ALA D 64 22.66 4.00 43.40
C ALA D 64 21.81 4.64 44.44
N GLU D 65 20.95 3.84 45.04
CA GLU D 65 20.00 4.26 46.06
C GLU D 65 20.69 4.68 47.35
N LYS D 66 21.65 3.89 47.76
CA LYS D 66 22.50 4.26 48.86
C LYS D 66 23.24 5.61 48.70
N LEU D 67 23.76 5.85 47.51
CA LEU D 67 24.39 7.13 47.19
C LEU D 67 23.37 8.27 47.18
N MET D 68 22.16 8.00 46.71
CA MET D 68 21.11 8.97 46.78
C MET D 68 20.80 9.41 48.19
N LYS D 69 20.65 8.44 49.08
CA LYS D 69 20.36 8.74 50.52
C LYS D 69 21.56 9.46 51.14
N TYR D 70 22.78 9.08 50.79
CA TYR D 70 24.01 9.71 51.32
C TYR D 70 24.02 11.22 51.00
N GLN D 71 23.69 11.49 49.77
CA GLN D 71 23.69 12.86 49.24
C GLN D 71 22.82 13.72 50.14
N ASN D 72 21.59 13.23 50.37
CA ASN D 72 20.57 13.87 51.22
C ASN D 72 21.02 14.02 52.69
N LYS D 73 21.64 12.97 53.19
N LYS D 73 21.57 12.94 53.20
CA LYS D 73 22.05 12.94 54.54
CA LYS D 73 22.03 12.90 54.57
C LYS D 73 23.10 14.00 54.85
C LYS D 73 23.11 13.96 54.86
N ARG D 74 23.99 14.20 53.89
CA ARG D 74 25.05 15.21 54.02
C ARG D 74 24.54 16.59 53.71
N GLY D 75 23.32 16.73 53.20
CA GLY D 75 22.77 18.03 52.92
C GLY D 75 23.03 18.43 51.49
N GLY D 76 23.51 17.52 50.66
CA GLY D 76 23.56 17.79 49.23
C GLY D 76 22.24 17.57 48.55
N ARG D 77 22.22 17.80 47.25
CA ARG D 77 20.98 17.76 46.52
C ARG D 77 21.13 16.86 45.32
N ILE D 78 20.27 15.84 45.27
CA ILE D 78 20.26 14.88 44.23
C ILE D 78 19.96 15.54 42.90
N VAL D 79 20.80 15.27 41.90
CA VAL D 79 20.53 15.72 40.52
C VAL D 79 20.66 14.54 39.57
N LEU D 80 19.55 14.19 38.97
CA LEU D 80 19.47 12.99 38.13
C LEU D 80 19.65 13.38 36.66
N GLN D 81 20.26 12.50 35.90
CA GLN D 81 20.47 12.69 34.42
C GLN D 81 19.92 11.45 33.66
N PRO D 82 19.72 11.47 32.35
CA PRO D 82 19.28 10.27 31.68
C PRO D 82 20.14 9.06 31.98
N ILE D 83 19.48 7.93 32.08
CA ILE D 83 20.18 6.64 32.21
C ILE D 83 20.33 6.12 30.80
N SER D 84 21.55 6.16 30.30
CA SER D 84 21.77 5.93 28.88
C SER D 84 21.54 4.43 28.60
N LYS D 85 21.07 4.13 27.40
N LYS D 85 21.01 4.09 27.43
CA LYS D 85 20.93 2.79 26.91
CA LYS D 85 20.80 2.72 27.08
C LYS D 85 22.27 2.07 26.87
C LYS D 85 22.17 2.07 26.90
N PRO D 86 22.28 0.76 27.16
CA PRO D 86 23.56 -0.01 27.08
C PRO D 86 24.17 0.01 25.69
N ASP D 87 25.45 -0.34 25.59
N ASP D 87 25.47 -0.28 25.57
CA ASP D 87 26.13 -0.30 24.25
CA ASP D 87 26.18 -0.12 24.27
C ASP D 87 25.54 -1.33 23.25
C ASP D 87 25.95 -1.37 23.33
N ARG D 88 25.03 -2.44 23.76
N ARG D 88 25.13 -2.34 23.79
CA ARG D 88 24.61 -3.55 22.94
CA ARG D 88 24.69 -3.53 23.02
C ARG D 88 23.17 -3.82 23.28
C ARG D 88 23.18 -3.77 23.27
N ASP D 89 22.50 -4.44 22.32
CA ASP D 89 21.17 -5.02 22.53
C ASP D 89 21.28 -6.59 22.83
N GLU D 90 22.40 -7.20 22.46
CA GLU D 90 22.68 -8.63 22.57
C GLU D 90 24.07 -8.83 23.11
N TRP D 91 24.29 -9.88 23.90
CA TRP D 91 25.49 -9.97 24.73
C TRP D 91 26.34 -11.22 24.57
N GLY D 92 26.05 -12.00 23.53
CA GLY D 92 26.89 -13.12 23.14
C GLY D 92 26.77 -14.32 24.04
N SER D 93 27.89 -15.02 24.22
N SER D 93 27.87 -15.08 24.14
CA SER D 93 27.88 -16.20 25.01
CA SER D 93 27.91 -16.30 24.91
C SER D 93 27.90 -15.83 26.48
C SER D 93 28.13 -15.93 26.40
N GLY D 94 27.82 -16.86 27.31
CA GLY D 94 28.07 -16.66 28.77
C GLY D 94 29.45 -16.05 29.07
N LEU D 95 30.51 -16.59 28.41
CA LEU D 95 31.86 -16.01 28.55
C LEU D 95 31.97 -14.52 28.14
N ASP D 96 31.42 -14.21 26.96
CA ASP D 96 31.34 -12.88 26.38
C ASP D 96 30.72 -11.89 27.41
N ALA D 97 29.58 -12.27 27.94
CA ALA D 97 28.88 -11.43 28.89
C ALA D 97 29.63 -11.20 30.23
N MET D 98 30.33 -12.24 30.71
CA MET D 98 31.12 -12.16 31.94
C MET D 98 32.32 -11.28 31.70
N LYS D 99 32.89 -11.30 30.47
N LYS D 99 32.86 -11.28 30.48
CA LYS D 99 33.99 -10.40 30.12
CA LYS D 99 33.98 -10.43 30.11
C LYS D 99 33.50 -8.95 30.05
C LYS D 99 33.51 -8.96 30.03
N ALA D 100 32.29 -8.79 29.55
CA ALA D 100 31.65 -7.50 29.50
C ALA D 100 31.38 -6.96 30.94
N ALA D 101 30.82 -7.78 31.83
CA ALA D 101 30.62 -7.44 33.23
C ALA D 101 31.94 -7.05 33.91
N LEU D 102 33.03 -7.78 33.67
CA LEU D 102 34.32 -7.43 34.29
C LEU D 102 34.75 -6.01 33.88
N ASN D 103 34.66 -5.68 32.60
N ASN D 103 34.65 -5.70 32.60
CA ASN D 103 35.03 -4.32 32.12
CA ASN D 103 34.99 -4.37 32.09
C ASN D 103 34.16 -3.26 32.74
C ASN D 103 34.16 -3.30 32.76
N LEU D 104 32.86 -3.52 32.81
CA LEU D 104 31.96 -2.67 33.55
C LEU D 104 32.34 -2.44 35.00
N GLU D 105 32.56 -3.50 35.76
CA GLU D 105 32.89 -3.39 37.18
C GLU D 105 34.22 -2.66 37.44
N LYS D 106 35.19 -2.86 36.55
CA LYS D 106 36.46 -2.13 36.63
C LYS D 106 36.27 -0.61 36.37
N SER D 107 35.39 -0.27 35.45
N SER D 107 35.38 -0.24 35.45
CA SER D 107 35.04 1.12 35.18
CA SER D 107 35.01 1.19 35.23
C SER D 107 34.32 1.76 36.42
C SER D 107 34.36 1.75 36.49
N VAL D 108 33.37 1.03 37.02
CA VAL D 108 32.69 1.50 38.20
C VAL D 108 33.67 1.62 39.36
N ASN D 109 34.54 0.64 39.50
CA ASN D 109 35.57 0.71 40.54
C ASN D 109 36.51 1.90 40.35
N GLN D 110 36.95 2.19 39.12
CA GLN D 110 37.86 3.32 38.96
C GLN D 110 37.09 4.61 39.32
N SER D 111 35.81 4.68 38.95
CA SER D 111 35.00 5.86 39.34
C SER D 111 34.88 6.00 40.86
N LEU D 112 34.71 4.88 41.55
CA LEU D 112 34.69 4.89 43.02
C LEU D 112 36.00 5.29 43.65
N LEU D 113 37.06 4.79 43.11
CA LEU D 113 38.40 5.20 43.58
C LEU D 113 38.62 6.69 43.36
N GLU D 114 38.21 7.19 42.17
N GLU D 114 38.18 7.21 42.21
CA GLU D 114 38.20 8.63 41.89
CA GLU D 114 38.29 8.62 41.99
C GLU D 114 37.38 9.39 42.96
C GLU D 114 37.33 9.46 42.88
N LEU D 115 36.17 8.89 43.24
CA LEU D 115 35.29 9.48 44.24
C LEU D 115 35.94 9.55 45.66
N HIS D 116 36.65 8.50 46.06
CA HIS D 116 37.38 8.48 47.28
C HIS D 116 38.51 9.55 47.30
N LYS D 117 39.19 9.69 46.17
CA LYS D 117 40.22 10.73 45.99
C LYS D 117 39.64 12.16 46.13
N VAL D 118 38.47 12.40 45.58
CA VAL D 118 37.76 13.69 45.75
C VAL D 118 37.51 13.93 47.21
N ALA D 119 37.11 12.88 47.93
CA ALA D 119 36.83 13.00 49.34
C ALA D 119 38.12 13.32 50.15
N ASP D 120 39.21 12.63 49.81
CA ASP D 120 40.56 12.81 50.34
C ASP D 120 40.99 14.25 50.10
N SER D 121 40.88 14.68 48.86
CA SER D 121 41.22 16.10 48.49
C SER D 121 40.56 17.16 49.38
N HIS D 122 39.31 16.93 49.71
CA HIS D 122 38.56 17.83 50.59
C HIS D 122 38.54 17.48 52.07
N GLY D 123 39.42 16.58 52.44
CA GLY D 123 39.53 16.10 53.79
C GLY D 123 38.18 15.74 54.39
N ASP D 124 37.40 14.97 53.65
CA ASP D 124 36.09 14.53 54.07
C ASP D 124 36.26 13.08 54.54
N ALA D 125 36.61 12.95 55.81
CA ALA D 125 36.98 11.66 56.40
C ALA D 125 35.71 10.76 56.46
N GLN D 126 34.58 11.37 56.70
CA GLN D 126 33.33 10.56 56.77
C GLN D 126 32.95 9.96 55.42
N MET D 127 33.01 10.76 54.35
CA MET D 127 32.75 10.27 53.01
C MET D 127 33.73 9.16 52.60
N CYS D 128 34.99 9.30 53.04
CA CYS D 128 35.97 8.25 52.75
C CYS D 128 35.59 6.93 53.25
N ASP D 129 35.22 6.95 54.51
CA ASP D 129 34.80 5.75 55.24
C ASP D 129 33.54 5.17 54.57
N PHE D 130 32.58 6.04 54.26
CA PHE D 130 31.28 5.63 53.61
C PHE D 130 31.59 4.87 52.33
N LEU D 131 32.52 5.41 51.53
N LEU D 131 32.49 5.43 51.52
CA LEU D 131 32.88 4.78 50.27
CA LEU D 131 32.91 4.79 50.30
C LEU D 131 33.69 3.49 50.44
C LEU D 131 33.59 3.45 50.54
N GLU D 132 34.59 3.45 51.42
CA GLU D 132 35.37 2.23 51.70
C GLU D 132 34.50 1.08 52.15
N GLY D 133 33.67 1.41 53.11
CA GLY D 133 32.84 0.38 53.69
C GLY D 133 31.72 -0.11 52.82
N GLU D 134 31.05 0.78 52.13
CA GLU D 134 29.91 0.47 51.31
C GLU D 134 30.11 0.04 49.90
N TYR D 135 31.20 0.46 49.30
CA TYR D 135 31.46 0.18 47.87
C TYR D 135 32.78 -0.48 47.56
N LEU D 136 33.88 -0.01 48.15
CA LEU D 136 35.21 -0.50 47.72
C LEU D 136 35.44 -1.96 47.98
N GLU D 137 35.20 -2.42 49.20
N GLU D 137 34.97 -2.43 49.11
CA GLU D 137 35.44 -3.82 49.56
CA GLU D 137 35.01 -3.82 49.46
C GLU D 137 34.69 -4.73 48.63
C GLU D 137 34.19 -4.67 48.49
N GLU D 138 33.39 -4.44 48.48
N GLU D 138 32.86 -4.41 48.29
CA GLU D 138 32.49 -5.18 47.63
CA GLU D 138 32.08 -5.19 47.39
C GLU D 138 32.94 -5.23 46.14
C GLU D 138 32.69 -5.17 45.96
N GLN D 139 33.36 -4.09 45.57
CA GLN D 139 33.88 -4.03 44.22
C GLN D 139 35.05 -4.99 44.05
N VAL D 140 35.98 -5.01 45.01
CA VAL D 140 37.15 -5.92 44.87
C VAL D 140 36.64 -7.38 44.86
N GLU D 141 35.68 -7.66 45.74
CA GLU D 141 35.06 -8.99 45.78
C GLU D 141 34.40 -9.41 44.45
N ALA D 142 33.58 -8.53 43.90
CA ALA D 142 32.94 -8.76 42.63
C ALA D 142 33.90 -8.98 41.46
N ILE D 143 34.95 -8.15 41.37
CA ILE D 143 35.96 -8.28 40.33
C ILE D 143 36.65 -9.66 40.41
N LYS D 144 36.97 -10.10 41.63
CA LYS D 144 37.58 -11.39 41.77
C LYS D 144 36.61 -12.53 41.35
N ASP D 145 35.37 -12.48 41.82
CA ASP D 145 34.31 -13.44 41.52
C ASP D 145 34.15 -13.56 39.98
N LEU D 146 34.04 -12.42 39.30
N LEU D 146 34.07 -12.41 39.37
CA LEU D 146 33.88 -12.42 37.82
CA LEU D 146 33.93 -12.29 37.98
C LEU D 146 35.11 -12.97 37.10
C LEU D 146 35.08 -12.87 37.12
N SER D 147 36.29 -12.58 37.55
CA SER D 147 37.50 -13.14 37.01
C SER D 147 37.59 -14.68 37.15
N ASP D 148 37.16 -15.21 38.29
CA ASP D 148 37.09 -16.65 38.51
C ASP D 148 36.11 -17.24 37.50
N ARG D 149 34.95 -16.58 37.34
CA ARG D 149 33.99 -17.08 36.37
C ARG D 149 34.49 -17.14 34.97
N ILE D 150 35.17 -16.08 34.53
CA ILE D 150 35.82 -16.09 33.24
C ILE D 150 36.78 -17.29 33.04
N THR D 151 37.65 -17.53 34.00
CA THR D 151 38.55 -18.68 33.92
C THR D 151 37.81 -19.97 33.77
N ASN D 152 36.73 -20.10 34.52
CA ASN D 152 36.00 -21.35 34.43
C ASN D 152 35.19 -21.49 33.15
N LEU D 153 34.69 -20.38 32.59
CA LEU D 153 33.97 -20.42 31.31
C LEU D 153 34.88 -20.79 30.13
N ASN D 154 36.10 -20.31 30.19
CA ASN D 154 37.14 -20.76 29.26
C ASN D 154 37.50 -22.23 29.53
N ARG D 155 37.61 -22.65 30.78
CA ARG D 155 37.93 -24.04 31.08
C ARG D 155 36.87 -25.02 30.49
N VAL D 156 35.59 -24.76 30.76
CA VAL D 156 34.56 -25.70 30.38
C VAL D 156 34.27 -25.70 28.86
N GLY D 157 34.51 -24.56 28.21
CA GLY D 157 34.27 -24.40 26.81
C GLY D 157 32.78 -24.26 26.45
N LYS D 158 32.57 -24.10 25.15
CA LYS D 158 31.26 -23.93 24.57
C LYS D 158 30.39 -25.15 24.62
N GLY D 159 29.09 -24.97 24.50
CA GLY D 159 28.20 -26.13 24.42
C GLY D 159 27.83 -26.73 25.77
N LEU D 160 28.09 -28.02 25.91
CA LEU D 160 27.81 -28.70 27.19
C LEU D 160 28.45 -28.02 28.39
N GLY D 161 29.63 -27.51 28.19
CA GLY D 161 30.35 -26.84 29.30
C GLY D 161 29.65 -25.59 29.77
N GLU D 162 29.18 -24.80 28.81
CA GLU D 162 28.44 -23.57 29.13
C GLU D 162 27.13 -23.93 29.88
N TRP D 163 26.52 -25.02 29.42
CA TRP D 163 25.29 -25.55 29.99
C TRP D 163 25.47 -25.94 31.44
N HIS D 164 26.50 -26.68 31.70
CA HIS D 164 26.78 -27.08 33.04
C HIS D 164 27.12 -25.97 33.99
N TYR D 165 27.88 -25.03 33.49
CA TYR D 165 28.26 -23.86 34.28
C TYR D 165 26.98 -23.08 34.68
N ASP D 166 26.08 -22.92 33.71
CA ASP D 166 24.83 -22.25 33.94
C ASP D 166 24.00 -22.96 34.99
N GLN D 167 23.93 -24.30 34.92
CA GLN D 167 23.21 -25.05 35.97
C GLN D 167 23.85 -24.79 37.36
N LYS D 168 25.18 -24.72 37.44
CA LYS D 168 25.82 -24.44 38.72
C LYS D 168 25.58 -23.03 39.22
N LEU D 169 25.53 -22.07 38.29
CA LEU D 169 25.00 -20.75 38.64
C LEU D 169 23.59 -20.76 39.27
N LEU D 170 22.63 -21.39 38.63
CA LEU D 170 21.29 -21.47 39.15
C LEU D 170 21.35 -22.17 40.54
N SER D 171 22.17 -23.23 40.70
CA SER D 171 22.28 -23.90 42.02
C SER D 171 22.87 -23.00 43.11
N ALA E 2 -31.96 35.54 -7.23
CA ALA E 2 -32.80 34.91 -8.30
C ALA E 2 -31.96 34.63 -9.58
N GLU E 3 -31.42 35.67 -10.21
CA GLU E 3 -30.69 35.51 -11.48
C GLU E 3 -29.32 34.85 -11.26
N THR E 4 -28.86 34.11 -12.26
CA THR E 4 -27.51 33.60 -12.21
C THR E 4 -26.54 34.75 -12.34
N MET E 5 -25.37 34.54 -11.78
CA MET E 5 -24.31 35.53 -11.75
C MET E 5 -23.96 36.21 -13.07
N PRO E 6 -23.80 35.46 -14.15
CA PRO E 6 -23.42 36.08 -15.44
C PRO E 6 -24.56 36.82 -16.15
N ARG E 7 -25.79 36.52 -15.73
CA ARG E 7 -26.92 36.82 -16.57
C ARG E 7 -27.09 38.33 -16.77
N GLN E 8 -27.23 38.74 -18.03
CA GLN E 8 -27.37 40.17 -18.40
C GLN E 8 -27.94 40.29 -19.80
N ASN E 9 -29.10 40.95 -19.92
CA ASN E 9 -29.78 41.16 -21.20
C ASN E 9 -30.19 39.83 -21.93
N PHE E 10 -30.51 38.78 -21.14
CA PHE E 10 -30.82 37.44 -21.64
C PHE E 10 -32.22 37.05 -21.15
N HIS E 11 -33.17 37.08 -22.05
CA HIS E 11 -34.55 36.98 -21.71
C HIS E 11 -34.92 35.51 -21.56
N GLN E 12 -35.87 35.24 -20.68
N GLN E 12 -35.88 35.24 -20.68
CA GLN E 12 -36.42 33.88 -20.44
CA GLN E 12 -36.44 33.91 -20.41
C GLN E 12 -36.97 33.20 -21.70
C GLN E 12 -37.01 33.20 -21.67
N ASP E 13 -37.55 33.98 -22.58
CA ASP E 13 -38.12 33.57 -23.87
C ASP E 13 -36.91 33.09 -24.77
N SER E 14 -35.80 33.81 -24.75
CA SER E 14 -34.59 33.44 -25.49
C SER E 14 -34.00 32.15 -24.92
N GLU E 15 -33.90 32.06 -23.58
CA GLU E 15 -33.42 30.86 -22.89
C GLU E 15 -34.22 29.59 -23.27
N ALA E 16 -35.58 29.68 -23.19
CA ALA E 16 -36.46 28.60 -23.54
C ALA E 16 -36.26 28.22 -25.02
N GLY E 17 -36.18 29.21 -25.87
CA GLY E 17 -35.94 28.99 -27.28
C GLY E 17 -34.66 28.28 -27.64
N ILE E 18 -33.59 28.64 -26.92
CA ILE E 18 -32.34 27.96 -27.09
C ILE E 18 -32.49 26.48 -26.75
N ASN E 19 -33.16 26.18 -25.63
CA ASN E 19 -33.40 24.80 -25.26
C ASN E 19 -34.14 24.00 -26.32
N LYS E 20 -35.15 24.65 -26.90
CA LYS E 20 -35.89 24.03 -27.98
C LYS E 20 -35.00 23.79 -29.22
N GLN E 21 -34.14 24.73 -29.53
CA GLN E 21 -33.23 24.58 -30.69
C GLN E 21 -32.23 23.46 -30.44
N ILE E 22 -31.75 23.32 -29.20
CA ILE E 22 -30.81 22.24 -28.88
C ILE E 22 -31.46 20.84 -29.21
N ASN E 23 -32.71 20.65 -28.78
CA ASN E 23 -33.39 19.41 -29.06
C ASN E 23 -33.54 19.14 -30.57
N MET E 24 -33.87 20.20 -31.29
N MET E 24 -33.87 20.18 -31.31
CA MET E 24 -33.99 20.11 -32.75
CA MET E 24 -34.01 20.06 -32.75
C MET E 24 -32.71 19.72 -33.43
C MET E 24 -32.72 19.74 -33.47
N GLU E 25 -31.61 20.34 -33.04
CA GLU E 25 -30.30 19.97 -33.61
C GLU E 25 -29.92 18.51 -33.25
N LEU E 26 -30.24 18.06 -32.04
CA LEU E 26 -29.97 16.65 -31.66
C LEU E 26 -30.82 15.71 -32.48
N TYR E 27 -32.09 16.09 -32.69
CA TYR E 27 -33.00 15.35 -33.54
C TYR E 27 -32.42 15.22 -34.94
N ALA E 28 -31.98 16.33 -35.53
CA ALA E 28 -31.41 16.36 -36.86
C ALA E 28 -30.19 15.41 -36.89
N SER E 29 -29.33 15.49 -35.85
CA SER E 29 -28.20 14.57 -35.75
C SER E 29 -28.62 13.10 -35.86
N TYR E 30 -29.68 12.76 -35.14
CA TYR E 30 -30.22 11.39 -35.11
C TYR E 30 -30.79 10.95 -36.42
N VAL E 31 -31.51 11.84 -37.11
CA VAL E 31 -31.95 11.56 -38.49
C VAL E 31 -30.73 11.25 -39.39
N TYR E 32 -29.69 12.11 -39.34
CA TYR E 32 -28.52 11.85 -40.18
C TYR E 32 -27.76 10.56 -39.82
N GLN E 33 -27.69 10.25 -38.54
N GLN E 33 -27.70 10.21 -38.55
CA GLN E 33 -27.13 8.97 -38.05
CA GLN E 33 -27.10 8.94 -38.14
C GLN E 33 -27.88 7.78 -38.72
C GLN E 33 -27.88 7.72 -38.69
N SER E 34 -29.20 7.79 -38.63
CA SER E 34 -30.06 6.77 -39.21
C SER E 34 -29.78 6.62 -40.71
N MET E 35 -29.79 7.75 -41.42
N MET E 35 -29.77 7.75 -41.42
CA MET E 35 -29.42 7.77 -42.82
CA MET E 35 -29.44 7.73 -42.84
C MET E 35 -28.06 7.19 -43.08
C MET E 35 -28.06 7.21 -43.11
N SER E 36 -27.07 7.63 -42.34
CA SER E 36 -25.72 7.18 -42.56
C SER E 36 -25.59 5.60 -42.43
N PHE E 37 -26.15 5.05 -41.37
CA PHE E 37 -26.06 3.64 -41.14
C PHE E 37 -26.92 2.84 -42.16
N TYR E 38 -28.05 3.41 -42.58
CA TYR E 38 -28.84 2.83 -43.65
C TYR E 38 -28.03 2.63 -44.95
N PHE E 39 -27.27 3.67 -45.35
CA PHE E 39 -26.41 3.56 -46.51
C PHE E 39 -25.28 2.53 -46.45
N ASP E 40 -25.04 1.94 -45.29
CA ASP E 40 -24.09 0.83 -45.17
C ASP E 40 -24.71 -0.55 -45.03
N ARG E 41 -26.03 -0.61 -45.12
CA ARG E 41 -26.69 -1.87 -45.28
C ARG E 41 -26.11 -2.62 -46.48
N ASP E 42 -26.00 -3.95 -46.37
CA ASP E 42 -25.46 -4.76 -47.46
C ASP E 42 -26.27 -4.64 -48.76
N ASP E 43 -27.55 -4.37 -48.60
CA ASP E 43 -28.47 -4.21 -49.70
C ASP E 43 -28.69 -2.78 -50.15
N VAL E 44 -27.85 -1.87 -49.66
CA VAL E 44 -27.89 -0.48 -50.13
C VAL E 44 -26.49 -0.15 -50.59
N ALA E 45 -25.55 -0.23 -49.66
CA ALA E 45 -24.09 -0.26 -49.92
C ALA E 45 -23.56 0.91 -50.76
N LEU E 46 -23.77 2.11 -50.23
CA LEU E 46 -23.27 3.35 -50.84
C LEU E 46 -22.43 4.08 -49.79
N LYS E 47 -21.12 3.80 -49.84
CA LYS E 47 -20.20 4.27 -48.82
C LYS E 47 -19.98 5.80 -48.83
N GLY E 48 -20.13 6.45 -49.98
CA GLY E 48 -20.09 7.90 -50.03
C GLY E 48 -21.23 8.60 -49.37
N PHE E 49 -22.45 8.10 -49.62
CA PHE E 49 -23.60 8.55 -48.87
C PHE E 49 -23.45 8.23 -47.40
N ALA E 50 -22.92 7.05 -47.07
CA ALA E 50 -22.70 6.70 -45.67
C ALA E 50 -21.82 7.77 -45.01
N LYS E 51 -20.74 8.08 -45.68
CA LYS E 51 -19.78 9.05 -45.15
C LYS E 51 -20.33 10.48 -45.10
N PHE E 52 -21.07 10.88 -46.13
CA PHE E 52 -21.67 12.21 -46.19
C PHE E 52 -22.65 12.44 -45.04
N PHE E 53 -23.54 11.48 -44.83
CA PHE E 53 -24.46 11.59 -43.70
C PHE E 53 -23.86 11.40 -42.28
N LYS E 54 -22.81 10.61 -42.14
CA LYS E 54 -22.04 10.55 -40.86
C LYS E 54 -21.46 11.90 -40.49
N GLU E 55 -20.85 12.58 -41.46
CA GLU E 55 -20.35 13.97 -41.23
C GLU E 55 -21.49 14.93 -40.90
N SER E 56 -22.57 14.89 -41.66
CA SER E 56 -23.73 15.69 -41.33
C SER E 56 -24.26 15.41 -39.91
N SER E 57 -24.34 14.12 -39.50
CA SER E 57 -24.72 13.82 -38.14
C SER E 57 -23.81 14.43 -37.11
N ASP E 58 -22.51 14.26 -37.33
N ASP E 58 -22.49 14.31 -37.29
CA ASP E 58 -21.50 14.88 -36.47
CA ASP E 58 -21.57 14.92 -36.34
C ASP E 58 -21.72 16.42 -36.37
C ASP E 58 -21.69 16.47 -36.34
N GLU E 59 -21.91 17.10 -37.49
CA GLU E 59 -22.05 18.56 -37.51
C GLU E 59 -23.26 19.04 -36.73
N GLU E 60 -24.37 18.35 -36.90
CA GLU E 60 -25.58 18.67 -36.17
C GLU E 60 -25.39 18.51 -34.67
N ARG E 61 -24.71 17.45 -34.26
CA ARG E 61 -24.44 17.29 -32.86
C ARG E 61 -23.54 18.39 -32.33
N GLU E 62 -22.56 18.78 -33.12
CA GLU E 62 -21.70 19.92 -32.78
C GLU E 62 -22.49 21.23 -32.63
N HIS E 63 -23.44 21.48 -33.54
N HIS E 63 -23.46 21.47 -33.51
CA HIS E 63 -24.33 22.63 -33.41
CA HIS E 63 -24.31 22.65 -33.37
C HIS E 63 -25.04 22.60 -32.04
C HIS E 63 -25.13 22.62 -32.08
N ALA E 64 -25.60 21.44 -31.68
CA ALA E 64 -26.33 21.30 -30.43
C ALA E 64 -25.44 21.65 -29.24
N GLU E 65 -24.21 21.13 -29.30
CA GLU E 65 -23.23 21.30 -28.22
C GLU E 65 -22.80 22.79 -28.13
N LYS E 66 -22.68 23.44 -29.27
CA LYS E 66 -22.40 24.87 -29.24
C LYS E 66 -23.55 25.70 -28.60
N LEU E 67 -24.78 25.33 -28.88
CA LEU E 67 -25.91 26.01 -28.20
C LEU E 67 -25.97 25.72 -26.75
N MET E 68 -25.67 24.46 -26.36
CA MET E 68 -25.55 24.09 -24.94
C MET E 68 -24.57 24.98 -24.18
N LYS E 69 -23.40 25.14 -24.74
CA LYS E 69 -22.40 25.95 -24.12
C LYS E 69 -22.82 27.46 -24.11
N TYR E 70 -23.43 27.97 -25.18
CA TYR E 70 -23.95 29.35 -25.21
C TYR E 70 -24.95 29.61 -24.06
N GLN E 71 -25.87 28.66 -23.90
CA GLN E 71 -26.86 28.72 -22.85
C GLN E 71 -26.19 28.99 -21.50
N ASN E 72 -25.22 28.13 -21.17
CA ASN E 72 -24.45 28.22 -19.94
C ASN E 72 -23.66 29.53 -19.85
N LYS E 73 -23.10 29.97 -20.96
N LYS E 73 -23.06 29.93 -20.95
CA LYS E 73 -22.29 31.17 -20.96
CA LYS E 73 -22.23 31.12 -21.00
C LYS E 73 -23.08 32.40 -20.63
C LYS E 73 -23.05 32.41 -20.71
N ARG E 74 -24.30 32.46 -21.22
CA ARG E 74 -25.25 33.59 -20.92
C ARG E 74 -25.90 33.51 -19.54
N GLY E 75 -25.74 32.40 -18.84
CA GLY E 75 -26.31 32.18 -17.47
C GLY E 75 -27.67 31.51 -17.50
N GLY E 76 -28.09 31.04 -18.68
CA GLY E 76 -29.25 30.18 -18.78
C GLY E 76 -28.98 28.78 -18.33
N ARG E 77 -30.03 27.97 -18.29
CA ARG E 77 -29.92 26.58 -17.80
C ARG E 77 -30.42 25.61 -18.86
N ILE E 78 -29.53 24.71 -19.26
CA ILE E 78 -29.86 23.64 -20.15
C ILE E 78 -30.98 22.75 -19.59
N VAL E 79 -32.02 22.53 -20.41
CA VAL E 79 -33.10 21.58 -20.13
C VAL E 79 -33.23 20.69 -21.33
N LEU E 80 -32.93 19.40 -21.13
CA LEU E 80 -32.91 18.44 -22.22
C LEU E 80 -34.28 17.71 -22.28
N GLN E 81 -34.66 17.27 -23.48
CA GLN E 81 -35.90 16.54 -23.75
C GLN E 81 -35.60 15.26 -24.54
N PRO E 82 -36.46 14.26 -24.55
CA PRO E 82 -36.12 13.13 -25.38
C PRO E 82 -35.81 13.52 -26.80
N ILE E 83 -34.89 12.79 -27.33
CA ILE E 83 -34.57 12.88 -28.75
C ILE E 83 -35.42 11.88 -29.50
N SER E 84 -36.43 12.39 -30.21
CA SER E 84 -37.40 11.54 -30.88
C SER E 84 -36.73 10.78 -31.98
N LYS E 85 -37.16 9.55 -32.20
CA LYS E 85 -36.61 8.76 -33.29
C LYS E 85 -37.06 9.36 -34.62
N PRO E 86 -36.32 9.13 -35.69
CA PRO E 86 -36.64 9.62 -37.03
C PRO E 86 -37.97 9.06 -37.54
N ASP E 87 -38.58 9.72 -38.47
CA ASP E 87 -39.86 9.26 -39.04
C ASP E 87 -39.76 7.93 -39.78
N ARG E 88 -38.60 7.68 -40.39
N ARG E 88 -38.62 7.67 -40.34
CA ARG E 88 -38.39 6.51 -41.19
CA ARG E 88 -38.42 6.48 -41.10
C ARG E 88 -37.35 5.61 -40.51
C ARG E 88 -37.27 5.61 -40.61
N ASP E 89 -37.40 4.31 -40.83
CA ASP E 89 -36.32 3.35 -40.58
C ASP E 89 -35.35 3.23 -41.82
N GLU E 90 -35.89 3.51 -43.02
CA GLU E 90 -35.25 3.28 -44.31
C GLU E 90 -35.44 4.54 -45.16
N TRP E 91 -34.50 4.88 -46.04
CA TRP E 91 -34.44 6.25 -46.61
C TRP E 91 -34.34 6.30 -48.15
N GLY E 92 -34.57 5.15 -48.78
CA GLY E 92 -34.67 5.04 -50.24
C GLY E 92 -33.36 5.16 -51.01
N SER E 93 -33.44 5.92 -52.11
N SER E 93 -33.43 5.81 -52.18
CA SER E 93 -32.32 6.14 -52.99
CA SER E 93 -32.27 6.00 -53.06
C SER E 93 -31.46 7.24 -52.43
C SER E 93 -31.50 7.21 -52.53
N GLY E 94 -30.26 7.37 -52.98
CA GLY E 94 -29.41 8.52 -52.63
C GLY E 94 -30.16 9.82 -52.90
N LEU E 95 -30.89 9.90 -54.03
CA LEU E 95 -31.68 11.08 -54.34
C LEU E 95 -32.79 11.35 -53.28
N ASP E 96 -33.55 10.32 -52.91
CA ASP E 96 -34.61 10.38 -51.92
C ASP E 96 -34.03 10.92 -50.61
N ALA E 97 -32.93 10.35 -50.20
CA ALA E 97 -32.27 10.78 -48.94
C ALA E 97 -31.80 12.23 -48.97
N MET E 98 -31.27 12.66 -50.10
CA MET E 98 -30.85 14.05 -50.24
C MET E 98 -32.02 15.01 -50.18
N LYS E 99 -33.15 14.63 -50.72
N LYS E 99 -33.19 14.60 -50.81
CA LYS E 99 -34.32 15.45 -50.68
CA LYS E 99 -34.37 15.42 -50.76
C LYS E 99 -34.80 15.53 -49.26
C LYS E 99 -34.85 15.51 -49.35
N ALA E 100 -34.78 14.40 -48.60
CA ALA E 100 -35.14 14.35 -47.22
C ALA E 100 -34.23 15.30 -46.39
N ALA E 101 -32.91 15.26 -46.62
CA ALA E 101 -31.96 16.14 -45.95
C ALA E 101 -32.26 17.60 -46.23
N LEU E 102 -32.64 17.95 -47.45
CA LEU E 102 -32.93 19.37 -47.75
C LEU E 102 -34.11 19.89 -46.91
N ASN E 103 -35.18 19.11 -46.89
CA ASN E 103 -36.37 19.41 -46.07
C ASN E 103 -35.99 19.55 -44.60
N LEU E 104 -35.18 18.64 -44.08
CA LEU E 104 -34.71 18.75 -42.68
C LEU E 104 -33.89 20.04 -42.44
N GLU E 105 -32.94 20.35 -43.31
CA GLU E 105 -32.13 21.57 -43.18
C GLU E 105 -32.96 22.85 -43.30
N LYS E 106 -33.97 22.87 -44.14
CA LYS E 106 -34.87 24.02 -44.24
C LYS E 106 -35.70 24.18 -42.95
N SER E 107 -36.09 23.07 -42.35
CA SER E 107 -36.81 23.10 -41.08
C SER E 107 -35.90 23.67 -39.96
N VAL E 108 -34.68 23.14 -39.87
CA VAL E 108 -33.71 23.64 -38.96
C VAL E 108 -33.46 25.15 -39.17
N ASN E 109 -33.26 25.55 -40.42
CA ASN E 109 -33.03 26.94 -40.75
C ASN E 109 -34.19 27.82 -40.31
N GLN E 110 -35.44 27.41 -40.60
CA GLN E 110 -36.55 28.28 -40.23
C GLN E 110 -36.56 28.41 -38.66
N SER E 111 -36.26 27.32 -37.92
CA SER E 111 -36.16 27.43 -36.47
C SER E 111 -35.06 28.39 -36.03
N LEU E 112 -33.92 28.36 -36.69
CA LEU E 112 -32.89 29.35 -36.36
C LEU E 112 -33.26 30.79 -36.68
N LEU E 113 -33.93 30.98 -37.81
CA LEU E 113 -34.42 32.29 -38.20
C LEU E 113 -35.42 32.79 -37.14
N GLU E 114 -36.31 31.92 -36.67
N GLU E 114 -36.35 31.91 -36.71
CA GLU E 114 -37.22 32.26 -35.57
CA GLU E 114 -37.25 32.17 -35.56
C GLU E 114 -36.47 32.51 -34.25
C GLU E 114 -36.36 32.61 -34.35
N LEU E 115 -35.36 31.81 -34.04
CA LEU E 115 -34.53 32.04 -32.86
C LEU E 115 -33.91 33.44 -32.90
N HIS E 116 -33.48 33.85 -34.09
CA HIS E 116 -32.87 35.16 -34.28
C HIS E 116 -33.94 36.23 -34.00
N LYS E 117 -35.15 35.96 -34.47
CA LYS E 117 -36.27 36.86 -34.31
C LYS E 117 -36.57 37.05 -32.84
N VAL E 118 -36.48 35.99 -32.06
CA VAL E 118 -36.68 36.06 -30.60
C VAL E 118 -35.60 36.94 -29.99
N ALA E 119 -34.36 36.78 -30.44
CA ALA E 119 -33.27 37.63 -29.97
C ALA E 119 -33.55 39.09 -30.29
N ASP E 120 -33.98 39.37 -31.53
CA ASP E 120 -34.28 40.77 -31.97
C ASP E 120 -35.33 41.37 -31.10
N SER E 121 -36.37 40.59 -30.88
CA SER E 121 -37.52 40.98 -30.06
C SER E 121 -37.14 41.47 -28.69
N HIS E 122 -36.15 40.81 -28.08
CA HIS E 122 -35.62 41.22 -26.80
C HIS E 122 -34.33 42.03 -26.86
N GLY E 123 -34.00 42.57 -28.03
CA GLY E 123 -32.82 43.44 -28.24
C GLY E 123 -31.55 42.82 -27.67
N ASP E 124 -31.38 41.53 -27.95
CA ASP E 124 -30.22 40.83 -27.48
C ASP E 124 -29.27 40.84 -28.68
N ALA E 125 -28.48 41.91 -28.78
CA ALA E 125 -27.56 42.13 -29.88
C ALA E 125 -26.49 41.02 -29.93
N GLN E 126 -26.05 40.55 -28.77
CA GLN E 126 -25.03 39.52 -28.74
C GLN E 126 -25.56 38.21 -29.26
N MET E 127 -26.76 37.86 -28.82
CA MET E 127 -27.33 36.57 -29.31
C MET E 127 -27.60 36.59 -30.84
N CYS E 128 -28.00 37.74 -31.38
CA CYS E 128 -28.18 37.84 -32.82
C CYS E 128 -26.95 37.53 -33.60
N ASP E 129 -25.87 38.17 -33.18
CA ASP E 129 -24.56 38.01 -33.76
C ASP E 129 -24.10 36.53 -33.63
N PHE E 130 -24.28 35.95 -32.43
CA PHE E 130 -23.90 34.57 -32.19
C PHE E 130 -24.60 33.63 -33.20
N LEU E 131 -25.89 33.86 -33.43
N LEU E 131 -25.89 33.84 -33.37
CA LEU E 131 -26.66 33.04 -34.36
CA LEU E 131 -26.64 33.05 -34.31
C LEU E 131 -26.30 33.26 -35.82
C LEU E 131 -26.21 33.25 -35.78
N GLU E 132 -26.13 34.51 -36.23
CA GLU E 132 -25.64 34.82 -37.56
C GLU E 132 -24.28 34.14 -37.90
N GLY E 133 -23.32 34.35 -37.03
CA GLY E 133 -22.00 33.86 -37.27
C GLY E 133 -21.84 32.35 -37.18
N GLU E 134 -22.49 31.73 -36.23
CA GLU E 134 -22.35 30.33 -35.97
C GLU E 134 -23.26 29.39 -36.65
N TYR E 135 -24.40 29.89 -37.07
CA TYR E 135 -25.40 28.99 -37.67
C TYR E 135 -25.97 29.46 -38.93
N LEU E 136 -26.34 30.75 -39.04
CA LEU E 136 -27.05 31.14 -40.29
C LEU E 136 -26.30 31.02 -41.60
N GLU E 137 -25.01 31.36 -41.50
N GLU E 137 -24.99 31.32 -41.57
CA GLU E 137 -24.05 31.33 -42.59
CA GLU E 137 -24.20 31.21 -42.77
C GLU E 137 -23.86 29.89 -43.09
C GLU E 137 -24.03 29.75 -43.19
N GLU E 138 -23.63 28.94 -42.17
N GLU E 138 -23.63 28.91 -42.24
CA GLU E 138 -23.44 27.53 -42.49
CA GLU E 138 -23.48 27.50 -42.49
C GLU E 138 -24.75 26.90 -43.00
C GLU E 138 -24.76 26.91 -43.04
N GLN E 139 -25.92 27.33 -42.50
CA GLN E 139 -27.17 26.81 -43.00
C GLN E 139 -27.39 27.09 -44.47
N VAL E 140 -27.11 28.34 -44.87
CA VAL E 140 -27.29 28.75 -46.27
C VAL E 140 -26.31 28.02 -47.18
N GLU E 141 -25.07 27.84 -46.71
CA GLU E 141 -24.09 27.01 -47.44
C GLU E 141 -24.56 25.57 -47.60
N ALA E 142 -24.98 24.93 -46.51
CA ALA E 142 -25.56 23.58 -46.54
C ALA E 142 -26.71 23.43 -47.48
N ILE E 143 -27.67 24.34 -47.38
CA ILE E 143 -28.82 24.26 -48.23
C ILE E 143 -28.45 24.34 -49.72
N LYS E 144 -27.54 25.24 -50.10
CA LYS E 144 -27.11 25.31 -51.47
C LYS E 144 -26.41 24.01 -51.92
N ASP E 145 -25.52 23.48 -51.10
CA ASP E 145 -24.76 22.24 -51.32
C ASP E 145 -25.70 21.07 -51.62
N LEU E 146 -26.72 20.90 -50.80
N LEU E 146 -26.66 20.92 -50.72
CA LEU E 146 -27.67 19.79 -50.96
CA LEU E 146 -27.72 19.94 -50.76
C LEU E 146 -28.51 19.95 -52.17
C LEU E 146 -28.49 19.98 -52.07
N SER E 147 -28.96 21.18 -52.42
CA SER E 147 -29.60 21.48 -53.68
C SER E 147 -28.83 21.14 -54.96
N ASP E 148 -27.53 21.46 -54.97
CA ASP E 148 -26.67 21.13 -56.10
C ASP E 148 -26.60 19.59 -56.23
N ARG E 149 -26.49 18.89 -55.09
CA ARG E 149 -26.49 17.44 -55.10
C ARG E 149 -27.77 16.82 -55.63
N ILE E 150 -28.94 17.35 -55.22
CA ILE E 150 -30.20 16.90 -55.80
C ILE E 150 -30.23 17.05 -57.35
N THR E 151 -29.80 18.21 -57.87
CA THR E 151 -29.80 18.43 -59.32
C THR E 151 -28.88 17.41 -60.02
N ASN E 152 -27.73 17.16 -59.46
CA ASN E 152 -26.85 16.14 -60.01
C ASN E 152 -27.31 14.73 -59.92
N LEU E 153 -27.96 14.41 -58.81
CA LEU E 153 -28.54 13.07 -58.66
C LEU E 153 -29.64 12.82 -59.63
N ASN E 154 -30.37 13.86 -59.97
CA ASN E 154 -31.39 13.77 -61.01
C ASN E 154 -30.70 13.64 -62.36
N ARG E 155 -29.68 14.45 -62.61
CA ARG E 155 -28.88 14.42 -63.85
C ARG E 155 -28.30 13.00 -64.14
N VAL E 156 -27.66 12.37 -63.16
CA VAL E 156 -26.98 11.13 -63.42
C VAL E 156 -27.92 9.92 -63.54
N GLY E 157 -29.07 9.98 -62.88
CA GLY E 157 -30.06 8.93 -62.90
C GLY E 157 -29.74 7.76 -62.01
N LYS E 158 -30.60 6.76 -62.07
CA LYS E 158 -30.48 5.55 -61.26
C LYS E 158 -29.39 4.58 -61.71
N GLY E 159 -28.95 3.65 -60.87
CA GLY E 159 -28.00 2.67 -61.36
C GLY E 159 -26.55 3.19 -61.39
N LEU E 160 -25.92 3.10 -62.56
CA LEU E 160 -24.55 3.51 -62.66
C LEU E 160 -24.36 4.97 -62.24
N GLY E 161 -25.33 5.81 -62.52
CA GLY E 161 -25.22 7.21 -62.20
C GLY E 161 -25.11 7.44 -60.68
N GLU E 162 -25.94 6.75 -59.95
CA GLU E 162 -25.92 6.83 -58.50
C GLU E 162 -24.59 6.30 -57.96
N TRP E 163 -24.13 5.21 -58.55
CA TRP E 163 -22.80 4.62 -58.12
C TRP E 163 -21.68 5.62 -58.36
N HIS E 164 -21.68 6.24 -59.52
CA HIS E 164 -20.59 7.18 -59.86
C HIS E 164 -20.70 8.44 -58.95
N TYR E 165 -21.91 8.93 -58.69
CA TYR E 165 -22.06 10.10 -57.78
C TYR E 165 -21.54 9.71 -56.37
N ASP E 166 -21.92 8.52 -55.91
CA ASP E 166 -21.41 8.05 -54.60
C ASP E 166 -19.85 7.95 -54.53
N GLN E 167 -19.23 7.45 -55.61
CA GLN E 167 -17.74 7.38 -55.64
C GLN E 167 -17.15 8.78 -55.53
N LYS E 168 -17.77 9.75 -56.21
CA LYS E 168 -17.31 11.17 -56.09
C LYS E 168 -17.50 11.75 -54.68
N LEU E 169 -18.61 11.38 -54.03
CA LEU E 169 -18.77 11.73 -52.59
C LEU E 169 -17.61 11.25 -51.74
N LEU E 170 -17.27 9.98 -51.86
CA LEU E 170 -16.19 9.37 -51.12
C LEU E 170 -14.90 10.15 -51.41
N SER E 171 -14.69 10.50 -52.68
CA SER E 171 -13.46 11.21 -53.03
C SER E 171 -13.45 12.57 -52.42
N ALA F 2 15.19 -13.01 11.10
CA ALA F 2 15.17 -14.34 11.80
C ALA F 2 13.84 -14.50 12.58
N GLU F 3 12.89 -15.20 12.00
CA GLU F 3 11.61 -15.58 12.65
C GLU F 3 11.92 -16.46 13.87
N THR F 4 11.56 -15.99 15.07
CA THR F 4 11.90 -16.75 16.25
C THR F 4 11.03 -17.97 16.45
N MET F 5 11.63 -18.98 17.04
CA MET F 5 10.97 -20.25 17.24
C MET F 5 9.57 -20.18 17.91
N PRO F 6 9.39 -19.42 18.99
CA PRO F 6 8.07 -19.42 19.63
C PRO F 6 7.01 -18.59 18.86
N ARG F 7 7.42 -17.73 17.93
CA ARG F 7 6.55 -16.67 17.49
C ARG F 7 5.30 -17.13 16.76
N GLN F 8 4.15 -16.68 17.20
CA GLN F 8 2.88 -17.07 16.59
C GLN F 8 1.84 -16.04 16.89
N ASN F 9 1.27 -15.44 15.88
CA ASN F 9 0.23 -14.43 16.07
C ASN F 9 0.68 -13.21 16.89
N PHE F 10 1.96 -12.87 16.79
CA PHE F 10 2.53 -11.77 17.55
C PHE F 10 3.07 -10.77 16.55
N HIS F 11 2.30 -9.73 16.36
CA HIS F 11 2.59 -8.78 15.29
C HIS F 11 3.81 -7.89 15.54
N GLN F 12 4.55 -7.53 14.51
CA GLN F 12 5.63 -6.64 14.81
C GLN F 12 5.24 -5.25 15.28
N ASP F 13 4.04 -4.78 14.93
CA ASP F 13 3.53 -3.53 15.44
C ASP F 13 3.44 -3.67 17.00
N SER F 14 2.88 -4.76 17.46
CA SER F 14 2.74 -5.11 18.85
C SER F 14 4.09 -5.17 19.56
N GLU F 15 5.02 -5.90 18.94
CA GLU F 15 6.37 -6.03 19.46
C GLU F 15 7.02 -4.61 19.70
N ALA F 16 6.99 -3.76 18.65
CA ALA F 16 7.51 -2.36 18.77
C ALA F 16 6.81 -1.59 19.88
N GLY F 17 5.51 -1.77 19.97
CA GLY F 17 4.78 -0.98 20.96
C GLY F 17 5.03 -1.46 22.40
N ILE F 18 5.32 -2.75 22.57
CA ILE F 18 5.70 -3.17 23.91
C ILE F 18 7.07 -2.63 24.28
N ASN F 19 7.97 -2.51 23.32
CA ASN F 19 9.25 -1.89 23.65
C ASN F 19 9.09 -0.42 24.08
N LYS F 20 8.20 0.31 23.44
CA LYS F 20 7.88 1.68 23.85
C LYS F 20 7.28 1.70 25.25
N GLN F 21 6.38 0.78 25.54
CA GLN F 21 5.72 0.74 26.87
C GLN F 21 6.78 0.43 27.95
N ILE F 22 7.68 -0.53 27.67
CA ILE F 22 8.79 -0.85 28.60
C ILE F 22 9.56 0.46 28.96
N ASN F 23 9.89 1.28 27.96
CA ASN F 23 10.58 2.52 28.25
C ASN F 23 9.76 3.49 29.15
N MET F 24 8.47 3.58 28.84
N MET F 24 8.47 3.59 28.83
CA MET F 24 7.58 4.46 29.55
CA MET F 24 7.57 4.48 29.56
C MET F 24 7.45 4.01 31.01
C MET F 24 7.39 4.02 31.00
N GLU F 25 7.35 2.71 31.24
CA GLU F 25 7.24 2.18 32.63
C GLU F 25 8.52 2.45 33.42
N LEU F 26 9.68 2.35 32.74
CA LEU F 26 10.96 2.67 33.36
C LEU F 26 11.09 4.15 33.70
N TYR F 27 10.64 5.00 32.79
CA TYR F 27 10.55 6.41 32.98
C TYR F 27 9.71 6.78 34.22
N ALA F 28 8.49 6.22 34.28
CA ALA F 28 7.65 6.36 35.47
C ALA F 28 8.34 5.91 36.75
N SER F 29 8.99 4.75 36.70
CA SER F 29 9.82 4.34 37.82
C SER F 29 10.80 5.42 38.30
N TYR F 30 11.50 6.04 37.35
CA TYR F 30 12.53 7.07 37.59
C TYR F 30 11.92 8.31 38.13
N VAL F 31 10.76 8.70 37.61
CA VAL F 31 10.03 9.86 38.19
C VAL F 31 9.68 9.62 39.68
N TYR F 32 9.14 8.43 39.97
CA TYR F 32 8.80 8.11 41.30
C TYR F 32 10.00 8.01 42.23
N GLN F 33 11.08 7.46 41.72
CA GLN F 33 12.33 7.44 42.48
C GLN F 33 12.73 8.87 42.87
N SER F 34 12.73 9.79 41.91
CA SER F 34 13.08 11.17 42.15
C SER F 34 12.21 11.75 43.28
N MET F 35 10.89 11.53 43.18
CA MET F 35 9.96 12.03 44.15
C MET F 35 10.23 11.45 45.52
N SER F 36 10.46 10.17 45.56
CA SER F 36 10.75 9.50 46.80
C SER F 36 11.95 10.07 47.53
N PHE F 37 13.02 10.31 46.81
CA PHE F 37 14.22 10.83 47.41
C PHE F 37 14.07 12.27 47.80
N TYR F 38 13.35 13.02 47.00
CA TYR F 38 13.03 14.42 47.34
C TYR F 38 12.34 14.55 48.72
N PHE F 39 11.43 13.60 49.01
CA PHE F 39 10.70 13.62 50.27
C PHE F 39 11.51 13.29 51.48
N ASP F 40 12.66 12.71 51.27
CA ASP F 40 13.69 12.55 52.34
C ASP F 40 14.72 13.64 52.43
N ARG F 41 14.63 14.68 51.67
CA ARG F 41 15.49 15.84 51.92
C ARG F 41 15.23 16.38 53.35
N ASP F 42 16.29 16.91 53.94
CA ASP F 42 16.20 17.45 55.32
C ASP F 42 15.20 18.61 55.41
N ASP F 43 15.09 19.36 54.33
CA ASP F 43 14.15 20.47 54.27
C ASP F 43 12.78 20.13 53.72
N VAL F 44 12.46 18.87 53.60
CA VAL F 44 11.15 18.42 53.15
C VAL F 44 10.64 17.45 54.22
N ALA F 45 11.35 16.34 54.39
CA ALA F 45 11.24 15.45 55.54
C ALA F 45 9.83 14.92 55.82
N LEU F 46 9.31 14.24 54.81
CA LEU F 46 8.01 13.59 54.91
C LEU F 46 8.23 12.12 54.56
N LYS F 47 8.49 11.31 55.57
CA LYS F 47 8.79 9.87 55.39
C LYS F 47 7.67 9.02 54.83
N GLY F 48 6.42 9.39 55.09
CA GLY F 48 5.28 8.72 54.50
C GLY F 48 5.24 8.84 52.97
N PHE F 49 5.40 10.08 52.48
CA PHE F 49 5.53 10.36 51.07
C PHE F 49 6.77 9.70 50.50
N ALA F 50 7.89 9.71 51.24
CA ALA F 50 9.08 8.96 50.81
C ALA F 50 8.77 7.47 50.53
N LYS F 51 8.16 6.83 51.51
CA LYS F 51 7.81 5.42 51.39
C LYS F 51 6.78 5.16 50.29
N PHE F 52 5.74 6.00 50.21
CA PHE F 52 4.69 5.83 49.21
C PHE F 52 5.29 5.83 47.77
N PHE F 53 6.13 6.84 47.49
CA PHE F 53 6.77 6.94 46.18
C PHE F 53 7.87 5.91 45.95
N LYS F 54 8.51 5.43 47.02
CA LYS F 54 9.46 4.31 46.85
C LYS F 54 8.73 3.05 46.37
N GLU F 55 7.59 2.77 46.99
CA GLU F 55 6.75 1.61 46.58
C GLU F 55 6.25 1.82 45.14
N SER F 56 5.79 3.02 44.80
CA SER F 56 5.45 3.36 43.43
C SER F 56 6.54 3.12 42.39
N SER F 57 7.76 3.56 42.73
CA SER F 57 8.92 3.37 41.91
C SER F 57 9.17 1.89 41.70
N ASP F 58 9.13 1.10 42.76
CA ASP F 58 9.33 -0.35 42.58
C ASP F 58 8.25 -1.00 41.72
N GLU F 59 7.00 -0.64 41.94
CA GLU F 59 5.91 -1.18 41.17
C GLU F 59 6.07 -0.88 39.66
N GLU F 60 6.51 0.33 39.31
CA GLU F 60 6.68 0.71 37.91
C GLU F 60 7.79 -0.11 37.26
N ARG F 61 8.89 -0.26 37.96
CA ARG F 61 9.94 -1.08 37.49
C ARG F 61 9.46 -2.52 37.30
N GLU F 62 8.64 -3.03 38.22
CA GLU F 62 8.15 -4.39 38.11
C GLU F 62 7.28 -4.54 36.88
N HIS F 63 6.49 -3.50 36.58
N HIS F 63 6.50 -3.52 36.57
CA HIS F 63 5.70 -3.46 35.33
CA HIS F 63 5.66 -3.57 35.38
C HIS F 63 6.57 -3.60 34.10
C HIS F 63 6.48 -3.50 34.06
N ALA F 64 7.59 -2.76 34.04
CA ALA F 64 8.57 -2.80 32.96
C ALA F 64 9.16 -4.18 32.79
N GLU F 65 9.55 -4.78 33.90
CA GLU F 65 10.14 -6.12 33.88
C GLU F 65 9.17 -7.19 33.42
N LYS F 66 7.93 -7.10 33.84
CA LYS F 66 6.93 -8.01 33.33
C LYS F 66 6.74 -7.91 31.77
N LEU F 67 6.75 -6.68 31.25
CA LEU F 67 6.67 -6.48 29.79
C LEU F 67 7.90 -7.01 29.07
N MET F 68 9.08 -6.84 29.66
CA MET F 68 10.30 -7.43 29.11
C MET F 68 10.19 -8.96 28.95
N LYS F 69 9.74 -9.65 29.98
N LYS F 69 9.72 -9.61 29.99
CA LYS F 69 9.61 -11.11 29.88
CA LYS F 69 9.55 -11.07 29.98
C LYS F 69 8.51 -11.51 28.92
C LYS F 69 8.51 -11.50 28.95
N TYR F 70 7.44 -10.72 28.84
CA TYR F 70 6.37 -11.02 27.88
C TYR F 70 6.88 -10.93 26.44
N GLN F 71 7.64 -9.87 26.19
CA GLN F 71 8.28 -9.65 24.94
C GLN F 71 9.02 -10.96 24.52
N ASN F 72 9.86 -11.46 25.39
CA ASN F 72 10.57 -12.68 25.08
C ASN F 72 9.74 -13.90 24.99
N LYS F 73 8.80 -13.97 25.88
CA LYS F 73 7.90 -15.08 25.86
C LYS F 73 7.19 -15.29 24.53
N ARG F 74 6.79 -14.19 23.90
CA ARG F 74 6.05 -14.25 22.64
C ARG F 74 7.00 -14.43 21.44
N GLY F 75 8.29 -14.27 21.68
CA GLY F 75 9.33 -14.42 20.74
C GLY F 75 9.73 -13.09 20.08
N GLY F 76 9.35 -11.99 20.68
CA GLY F 76 9.86 -10.64 20.32
C GLY F 76 11.22 -10.37 20.94
N ARG F 77 11.81 -9.21 20.60
CA ARG F 77 13.16 -8.87 21.00
C ARG F 77 13.13 -7.55 21.68
N ILE F 78 13.53 -7.56 22.94
CA ILE F 78 13.63 -6.38 23.75
C ILE F 78 14.62 -5.37 23.17
N VAL F 79 14.17 -4.12 23.07
CA VAL F 79 15.03 -3.04 22.55
C VAL F 79 14.86 -1.89 23.53
N LEU F 80 15.94 -1.58 24.25
CA LEU F 80 15.96 -0.57 25.32
C LEU F 80 16.44 0.80 24.77
N GLN F 81 15.94 1.88 25.36
CA GLN F 81 16.27 3.30 24.99
C GLN F 81 16.64 4.04 26.24
N PRO F 82 17.28 5.18 26.18
CA PRO F 82 17.54 5.86 27.41
C PRO F 82 16.30 6.09 28.25
N ILE F 83 16.52 6.05 29.53
CA ILE F 83 15.55 6.40 30.50
C ILE F 83 15.78 7.88 30.81
N SER F 84 14.97 8.71 30.19
CA SER F 84 15.02 10.14 30.30
C SER F 84 14.83 10.63 31.72
N LYS F 85 15.62 11.61 32.12
CA LYS F 85 15.52 12.14 33.48
C LYS F 85 14.12 12.78 33.62
N PRO F 86 13.58 12.83 34.86
CA PRO F 86 12.32 13.51 35.07
C PRO F 86 12.30 15.00 34.69
N ASP F 87 11.12 15.54 34.44
CA ASP F 87 11.01 16.99 34.13
C ASP F 87 11.47 17.95 35.25
N ARG F 88 11.44 17.53 36.50
N ARG F 88 11.35 17.50 36.43
CA ARG F 88 11.98 18.37 37.54
CA ARG F 88 11.66 18.33 37.56
C ARG F 88 12.97 17.68 38.41
C ARG F 88 12.78 17.66 38.41
N ASP F 89 13.55 18.48 39.27
CA ASP F 89 14.47 17.98 40.27
C ASP F 89 13.79 18.02 41.67
N GLU F 90 12.76 18.87 41.81
CA GLU F 90 12.04 19.16 43.08
C GLU F 90 10.54 19.07 42.80
N TRP F 91 9.74 18.63 43.75
CA TRP F 91 8.37 18.19 43.50
C TRP F 91 7.27 18.86 44.36
N GLY F 92 7.63 19.95 45.06
CA GLY F 92 6.73 20.78 45.85
C GLY F 92 6.15 20.09 47.11
N SER F 93 4.88 20.37 47.34
N SER F 93 4.90 20.41 47.41
CA SER F 93 4.18 19.84 48.52
CA SER F 93 4.22 19.89 48.58
C SER F 93 3.81 18.40 48.28
C SER F 93 3.73 18.48 48.29
N GLY F 94 3.36 17.73 49.34
CA GLY F 94 2.72 16.39 49.20
C GLY F 94 1.55 16.44 48.23
N LEU F 95 0.71 17.50 48.31
CA LEU F 95 -0.39 17.64 47.37
C LEU F 95 0.08 17.77 45.88
N ASP F 96 1.07 18.64 45.62
CA ASP F 96 1.64 18.89 44.30
C ASP F 96 2.15 17.56 43.74
N ALA F 97 2.87 16.85 44.55
CA ALA F 97 3.48 15.56 44.13
C ALA F 97 2.43 14.51 43.77
N MET F 98 1.38 14.43 44.57
CA MET F 98 0.26 13.57 44.26
C MET F 98 -0.46 13.97 42.99
N LYS F 99 -0.65 15.26 42.76
N LYS F 99 -0.65 15.26 42.76
CA LYS F 99 -1.26 15.75 41.49
CA LYS F 99 -1.20 15.73 41.48
C LYS F 99 -0.36 15.46 40.24
C LYS F 99 -0.33 15.27 40.28
N ALA F 100 0.96 15.42 40.48
CA ALA F 100 1.91 15.10 39.47
C ALA F 100 1.83 13.58 39.24
N ALA F 101 1.75 12.78 40.29
CA ALA F 101 1.57 11.35 40.15
C ALA F 101 0.30 10.97 39.38
N LEU F 102 -0.82 11.66 39.63
CA LEU F 102 -2.07 11.34 38.91
C LEU F 102 -1.85 11.54 37.40
N ASN F 103 -1.29 12.67 37.01
N ASN F 103 -1.26 12.67 37.04
CA ASN F 103 -1.11 12.95 35.57
CA ASN F 103 -1.01 12.99 35.62
C ASN F 103 -0.15 11.95 34.95
C ASN F 103 -0.20 11.91 35.00
N LEU F 104 0.87 11.50 35.70
CA LEU F 104 1.73 10.44 35.22
C LEU F 104 0.97 9.13 34.99
N GLU F 105 0.17 8.72 35.98
CA GLU F 105 -0.53 7.42 35.88
C GLU F 105 -1.54 7.47 34.74
N LYS F 106 -2.15 8.61 34.54
CA LYS F 106 -3.10 8.74 33.46
C LYS F 106 -2.40 8.65 32.07
N SER F 107 -1.22 9.20 31.94
CA SER F 107 -0.45 9.12 30.72
C SER F 107 -0.06 7.63 30.49
N VAL F 108 0.43 6.96 31.53
CA VAL F 108 0.72 5.53 31.43
C VAL F 108 -0.52 4.71 31.06
N ASN F 109 -1.67 5.03 31.71
CA ASN F 109 -2.90 4.31 31.41
C ASN F 109 -3.30 4.52 29.92
N GLN F 110 -3.17 5.72 29.42
CA GLN F 110 -3.56 5.96 28.04
C GLN F 110 -2.67 5.15 27.09
N SER F 111 -1.37 5.12 27.38
CA SER F 111 -0.46 4.27 26.59
C SER F 111 -0.78 2.78 26.71
N LEU F 112 -1.17 2.30 27.90
CA LEU F 112 -1.63 0.92 28.00
C LEU F 112 -2.92 0.62 27.22
N LEU F 113 -3.88 1.55 27.24
CA LEU F 113 -5.10 1.42 26.51
C LEU F 113 -4.84 1.39 24.99
N GLU F 114 -3.85 2.14 24.58
CA GLU F 114 -3.35 2.16 23.23
C GLU F 114 -2.72 0.86 22.88
N LEU F 115 -1.95 0.34 23.80
CA LEU F 115 -1.30 -0.95 23.58
C LEU F 115 -2.33 -2.05 23.40
N HIS F 116 -3.41 -2.01 24.19
CA HIS F 116 -4.50 -2.97 24.09
C HIS F 116 -5.22 -2.84 22.73
N LYS F 117 -5.38 -1.59 22.25
CA LYS F 117 -5.93 -1.30 20.92
C LYS F 117 -5.05 -1.91 19.85
N VAL F 118 -3.75 -1.80 20.01
CA VAL F 118 -2.81 -2.43 19.04
C VAL F 118 -2.99 -3.94 18.97
N ALA F 119 -3.14 -4.55 20.12
CA ALA F 119 -3.34 -6.00 20.18
C ALA F 119 -4.71 -6.35 19.56
N ASP F 120 -5.71 -5.50 19.77
CA ASP F 120 -7.05 -5.67 19.20
C ASP F 120 -6.90 -5.65 17.68
N SER F 121 -6.25 -4.62 17.22
CA SER F 121 -6.06 -4.41 15.76
C SER F 121 -5.45 -5.64 15.05
N HIS F 122 -4.55 -6.35 15.70
CA HIS F 122 -3.89 -7.50 15.09
C HIS F 122 -4.50 -8.83 15.59
N GLY F 123 -5.64 -8.74 16.25
CA GLY F 123 -6.34 -9.91 16.72
C GLY F 123 -5.51 -10.78 17.62
N ASP F 124 -4.83 -10.13 18.57
CA ASP F 124 -3.98 -10.82 19.47
C ASP F 124 -4.68 -10.94 20.81
N ALA F 125 -5.48 -11.97 20.90
CA ALA F 125 -6.37 -12.20 22.06
C ALA F 125 -5.55 -12.45 23.36
N GLN F 126 -4.47 -13.18 23.21
CA GLN F 126 -3.61 -13.51 24.36
C GLN F 126 -3.01 -12.21 24.86
N MET F 127 -2.51 -11.35 23.95
CA MET F 127 -1.93 -10.09 24.40
C MET F 127 -2.96 -9.17 25.05
N CYS F 128 -4.18 -9.13 24.50
CA CYS F 128 -5.25 -8.38 25.19
C CYS F 128 -5.54 -8.79 26.61
N ASP F 129 -5.63 -10.09 26.81
CA ASP F 129 -5.82 -10.67 28.15
C ASP F 129 -4.62 -10.35 29.07
N PHE F 130 -3.41 -10.51 28.56
CA PHE F 130 -2.23 -10.21 29.37
C PHE F 130 -2.25 -8.75 29.85
N LEU F 131 -2.60 -7.85 28.97
N LEU F 131 -2.60 -7.87 28.95
CA LEU F 131 -2.68 -6.44 29.36
CA LEU F 131 -2.70 -6.48 29.26
C LEU F 131 -3.85 -6.13 30.28
C LEU F 131 -3.83 -6.15 30.25
N GLU F 132 -5.03 -6.66 29.99
CA GLU F 132 -6.20 -6.46 30.92
C GLU F 132 -5.87 -6.88 32.38
N GLY F 133 -5.30 -8.07 32.45
CA GLY F 133 -5.14 -8.71 33.77
C GLY F 133 -3.94 -8.20 34.55
N GLU F 134 -2.88 -7.87 33.87
CA GLU F 134 -1.68 -7.42 34.49
C GLU F 134 -1.47 -5.95 34.62
N TYR F 135 -2.19 -5.16 33.84
CA TYR F 135 -1.92 -3.67 33.85
C TYR F 135 -3.21 -2.86 33.99
N LEU F 136 -4.28 -3.21 33.27
CA LEU F 136 -5.40 -2.31 33.20
C LEU F 136 -6.14 -2.19 34.50
N GLU F 137 -6.31 -3.31 35.19
CA GLU F 137 -6.97 -3.33 36.51
C GLU F 137 -6.22 -2.56 37.56
N GLU F 138 -4.92 -2.79 37.67
CA GLU F 138 -4.07 -2.06 38.57
C GLU F 138 -4.07 -0.56 38.28
N GLN F 139 -4.05 -0.15 37.00
CA GLN F 139 -4.08 1.29 36.68
C GLN F 139 -5.32 1.96 37.17
N VAL F 140 -6.49 1.35 36.95
CA VAL F 140 -7.69 1.95 37.41
C VAL F 140 -7.70 2.05 38.95
N GLU F 141 -7.21 1.03 39.63
CA GLU F 141 -7.12 1.11 41.12
C GLU F 141 -6.17 2.21 41.58
N ALA F 142 -4.99 2.29 40.97
CA ALA F 142 -4.06 3.35 41.31
C ALA F 142 -4.60 4.77 41.07
N ILE F 143 -5.27 5.00 39.92
CA ILE F 143 -5.79 6.31 39.61
C ILE F 143 -6.89 6.71 40.66
N LYS F 144 -7.77 5.77 41.04
CA LYS F 144 -8.71 6.04 42.12
C LYS F 144 -8.02 6.38 43.43
N ASP F 145 -7.05 5.57 43.84
CA ASP F 145 -6.29 5.73 45.07
C ASP F 145 -5.69 7.13 45.16
N LEU F 146 -4.96 7.52 44.12
N LEU F 146 -4.97 7.51 44.13
CA LEU F 146 -4.30 8.81 44.03
CA LEU F 146 -4.31 8.78 44.06
C LEU F 146 -5.32 9.94 44.07
C LEU F 146 -5.32 9.94 44.06
N SER F 147 -6.43 9.76 43.37
CA SER F 147 -7.50 10.76 43.37
C SER F 147 -8.11 10.96 44.78
N ASP F 148 -8.30 9.86 45.51
CA ASP F 148 -8.72 9.88 46.96
C ASP F 148 -7.68 10.70 47.80
N ARG F 149 -6.38 10.46 47.57
CA ARG F 149 -5.34 11.21 48.32
C ARG F 149 -5.30 12.68 48.02
N ILE F 150 -5.52 13.05 46.75
CA ILE F 150 -5.63 14.48 46.43
C ILE F 150 -6.76 15.16 47.19
N THR F 151 -7.95 14.55 47.19
CA THR F 151 -9.09 15.05 47.91
C THR F 151 -8.75 15.25 49.40
N ASN F 152 -8.05 14.28 49.96
CA ASN F 152 -7.73 14.37 51.40
C ASN F 152 -6.63 15.31 51.73
N LEU F 153 -5.69 15.45 50.80
CA LEU F 153 -4.65 16.47 50.94
C LEU F 153 -5.16 17.89 50.85
N ASN F 154 -6.16 18.12 50.00
CA ASN F 154 -6.84 19.42 49.97
C ASN F 154 -7.66 19.60 51.27
N ARG F 155 -8.32 18.56 51.70
CA ARG F 155 -9.12 18.56 52.96
C ARG F 155 -8.24 19.01 54.20
N VAL F 156 -7.10 18.34 54.40
CA VAL F 156 -6.33 18.55 55.61
C VAL F 156 -5.57 19.86 55.59
N GLY F 157 -5.26 20.35 54.41
CA GLY F 157 -4.54 21.58 54.22
C GLY F 157 -3.02 21.52 54.51
N LYS F 158 -2.41 22.69 54.47
CA LYS F 158 -0.96 22.82 54.65
C LYS F 158 -0.58 22.65 56.10
N GLY F 159 0.67 22.34 56.38
CA GLY F 159 1.18 22.40 57.74
C GLY F 159 0.87 21.16 58.52
N LEU F 160 0.28 21.34 59.70
CA LEU F 160 -0.14 20.17 60.50
C LEU F 160 -0.95 19.08 59.73
N GLY F 161 -1.81 19.49 58.85
CA GLY F 161 -2.64 18.57 58.02
C GLY F 161 -1.78 17.68 57.12
N GLU F 162 -0.81 18.27 56.43
CA GLU F 162 0.13 17.48 55.62
C GLU F 162 0.98 16.54 56.49
N TRP F 163 1.38 17.03 57.63
CA TRP F 163 2.13 16.24 58.55
C TRP F 163 1.31 14.99 58.98
N HIS F 164 0.05 15.21 59.31
CA HIS F 164 -0.82 14.14 59.69
C HIS F 164 -1.09 13.13 58.62
N TYR F 165 -1.36 13.63 57.45
CA TYR F 165 -1.54 12.77 56.27
C TYR F 165 -0.33 11.89 56.08
N ASP F 166 0.88 12.47 56.17
CA ASP F 166 2.11 11.74 55.98
C ASP F 166 2.29 10.62 57.04
N GLN F 167 1.95 10.88 58.31
CA GLN F 167 1.98 9.83 59.34
C GLN F 167 1.07 8.67 59.03
N LYS F 168 -0.15 8.97 58.57
CA LYS F 168 -1.01 7.91 58.13
C LYS F 168 -0.54 7.16 56.91
N LEU F 169 0.08 7.83 55.94
CA LEU F 169 0.76 7.07 54.91
C LEU F 169 1.80 6.10 55.45
N LEU F 170 2.65 6.52 56.38
CA LEU F 170 3.62 5.64 56.96
C LEU F 170 2.90 4.50 57.65
N SER F 171 1.88 4.82 58.43
CA SER F 171 1.14 3.76 59.14
C SER F 171 0.55 2.76 58.16
FE FE2 G . 34.88 0.13 -1.01
FE FE H . 17.16 -5.45 -0.17
FE FE I . 16.82 -3.65 0.75
FE FE J . 2.58 -18.64 -16.22
FE FE K . 0.68 -19.06 -17.02
O1 HEZ L . 19.40 -12.61 -27.54
C1 HEZ L . 18.31 -12.83 -26.64
C2 HEZ L . 17.38 -13.89 -27.22
C3 HEZ L . 18.04 -15.13 -27.85
C4 HEZ L . 17.49 -15.34 -29.26
C5 HEZ L . 18.11 -16.61 -29.89
C6 HEZ L . 17.24 -17.82 -29.78
O6 HEZ L . 17.72 -18.78 -30.73
FE FE M . -21.08 1.91 -23.51
FE FE N . -20.19 1.84 -21.48
O1 HEZ O . -6.68 11.71 -14.17
C1 HEZ O . -5.31 12.07 -14.47
C2 HEZ O . -5.20 12.00 -15.98
C3 HEZ O . -4.97 13.30 -16.75
C4 HEZ O . -5.25 13.11 -18.25
C5 HEZ O . -6.41 13.99 -18.72
C6 HEZ O . -6.59 13.80 -20.23
O6 HEZ O . -6.51 15.05 -20.95
FE FE P . 27.70 -0.59 41.96
FE FE Q . 29.22 -2.11 41.51
O1 HEZ R . 26.71 -21.64 42.77
C1 HEZ R . 25.90 -20.56 43.21
C2 HEZ R . 24.64 -21.12 43.79
C3 HEZ R . 23.77 -20.08 44.54
C4 HEZ R . 22.58 -19.77 43.62
C5 HEZ R . 22.00 -18.38 43.79
C6 HEZ R . 21.55 -17.87 42.42
O6 HEZ R . 22.64 -17.20 41.80
FE FE S . -27.63 22.19 -37.23
FE FE T . -27.77 22.45 -39.52
O1 HEZ U . -26.17 10.07 -32.56
C1 HEZ U . -27.28 10.97 -32.72
C2 HEZ U . -27.63 11.86 -31.49
C3 HEZ U . -27.44 11.19 -30.14
C4 HEZ U . -26.77 12.13 -29.13
C5 HEZ U . -26.45 11.44 -27.81
C6 HEZ U . -25.93 12.40 -26.74
O6 HEZ U . -25.25 13.58 -27.23
O1 HEZ V . -13.63 11.87 -46.66
C1 HEZ V . -12.88 12.45 -47.71
C2 HEZ V . -13.63 13.70 -48.04
C3 HEZ V . -14.63 13.37 -49.14
C4 HEZ V . -15.17 14.66 -49.67
C5 HEZ V . -14.30 15.21 -50.78
C6 HEZ V . -14.82 14.67 -52.12
O6 HEZ V . -15.90 15.49 -52.60
FE FE2 W . -9.53 -12.45 32.23
FE FE X . 3.23 1.00 35.42
FE FE Y . 1.58 0.36 34.22
O1 HEZ Z . 15.43 3.11 40.38
C1 HEZ Z . 15.09 4.15 39.47
C2 HEZ Z . 14.18 3.58 38.39
C3 HEZ Z . 14.92 3.39 37.07
C4 HEZ Z . 16.07 2.40 37.22
C5 HEZ Z . 16.11 1.36 36.13
C6 HEZ Z . 17.53 0.78 36.01
O6 HEZ Z . 17.43 -0.57 35.60
O1 HEZ AA . -0.20 2.95 56.72
C1 HEZ AA . -0.84 2.43 55.55
C2 HEZ AA . -0.26 1.04 55.30
C3 HEZ AA . 1.06 0.96 54.57
C4 HEZ AA . 2.20 1.81 55.09
C5 HEZ AA . 3.26 2.07 53.98
C6 HEZ AA . 2.87 3.04 52.86
O6 HEZ AA . 2.33 2.27 51.78
#